data_1U6M
#
_entry.id   1U6M
#
_cell.length_a   115.257
_cell.length_b   115.257
_cell.length_c   225.257
_cell.angle_alpha   90.00
_cell.angle_beta   90.00
_cell.angle_gamma   90.00
#
_symmetry.space_group_name_H-M   'P 41 21 2'
#
loop_
_entity.id
_entity.type
_entity.pdbx_description
1 polymer 'acetyltransferase, GNAT family'
2 non-polymer 'SULFATE ION'
3 water water
#
_entity_poly.entity_id   1
_entity_poly.type   'polypeptide(L)'
_entity_poly.pdbx_seq_one_letter_code
;MSLIRSATKEDGQAIARLVLVILKDMELPILEEVSEEQMIDLLAEATAYPTYRYGYQRILVYEHAGEVAGIAVGYPAEDE
KIIDEPLREVFKKHGLAEDVRLFIEEETLPNEWYLDTISVDERFRGMGIGSKLLDALPEVAKASGKQALGLNVDFDNPGA
RKLYASKGFKDVTTMTISGHLYNHMQKEVEGGSHHHHHH
;
_entity_poly.pdbx_strand_id   A,B,C,D
#
loop_
_chem_comp.id
_chem_comp.type
_chem_comp.name
_chem_comp.formula
SO4 non-polymer 'SULFATE ION' 'O4 S -2'
#
# COMPACT_ATOMS: atom_id res chain seq x y z
N SER A 2 -0.86 0.94 -15.51
CA SER A 2 -0.25 2.17 -14.88
C SER A 2 -0.67 2.63 -13.44
N LEU A 3 -1.89 2.36 -12.99
CA LEU A 3 -2.21 2.65 -11.59
C LEU A 3 -3.26 1.70 -10.96
N ILE A 4 -2.92 1.16 -9.77
CA ILE A 4 -3.80 0.26 -9.00
C ILE A 4 -4.20 1.00 -7.72
N ARG A 5 -5.50 1.17 -7.52
CA ARG A 5 -6.02 1.97 -6.41
C ARG A 5 -7.35 1.35 -6.04
N SER A 6 -7.85 1.67 -4.85
CA SER A 6 -9.19 1.26 -4.56
C SER A 6 -10.24 2.14 -5.29
N ALA A 7 -11.39 1.57 -5.63
CA ALA A 7 -12.43 2.31 -6.32
C ALA A 7 -12.94 3.49 -5.49
N THR A 8 -13.47 4.52 -6.16
CA THR A 8 -14.11 5.61 -5.44
C THR A 8 -15.57 5.62 -5.85
N LYS A 9 -16.34 6.51 -5.23
CA LYS A 9 -17.73 6.65 -5.49
C LYS A 9 -17.94 7.05 -6.94
N GLU A 10 -17.01 7.83 -7.54
CA GLU A 10 -17.12 8.24 -8.96
C GLU A 10 -16.77 7.17 -10.01
N ASP A 11 -16.28 6.03 -9.55
CA ASP A 11 -16.13 4.88 -10.41
C ASP A 11 -17.44 4.09 -10.64
N GLY A 12 -18.56 4.62 -10.14
CA GLY A 12 -19.87 3.96 -10.27
C GLY A 12 -20.27 3.56 -11.67
N GLN A 13 -20.28 4.49 -12.61
CA GLN A 13 -20.68 4.15 -13.98
C GLN A 13 -19.71 3.13 -14.60
N ALA A 14 -18.40 3.28 -14.34
CA ALA A 14 -17.43 2.35 -14.93
C ALA A 14 -17.59 0.93 -14.38
N ILE A 15 -17.81 0.81 -13.08
CA ILE A 15 -18.05 -0.45 -12.44
C ILE A 15 -19.34 -1.05 -12.99
N ALA A 16 -20.39 -0.22 -13.09
CA ALA A 16 -21.71 -0.65 -13.59
C ALA A 16 -21.63 -1.22 -15.02
N ARG A 17 -20.81 -0.60 -15.88
CA ARG A 17 -20.65 -1.07 -17.27
C ARG A 17 -20.00 -2.44 -17.32
N LEU A 18 -19.02 -2.63 -16.42
CA LEU A 18 -18.31 -3.86 -16.34
C LEU A 18 -19.22 -4.97 -15.78
N VAL A 19 -19.97 -4.64 -14.71
CA VAL A 19 -20.98 -5.57 -14.13
C VAL A 19 -22.09 -5.97 -15.11
N LEU A 20 -22.61 -5.02 -15.88
CA LEU A 20 -23.56 -5.37 -16.94
C LEU A 20 -23.09 -6.54 -17.76
N VAL A 21 -21.78 -6.63 -18.04
CA VAL A 21 -21.27 -7.72 -18.89
C VAL A 21 -21.56 -9.07 -18.26
N ILE A 22 -21.17 -9.21 -16.98
CA ILE A 22 -21.49 -10.36 -16.12
C ILE A 22 -22.98 -10.74 -16.10
N LEU A 23 -23.88 -9.76 -15.91
CA LEU A 23 -25.34 -10.00 -15.86
C LEU A 23 -25.66 -10.30 -17.30
N LYS A 24 -26.58 -11.15 -17.66
CA LYS A 24 -26.60 -11.20 -19.17
C LYS A 24 -25.65 -12.18 -19.84
N ASP A 25 -24.39 -12.23 -19.41
CA ASP A 25 -23.64 -13.45 -19.52
C ASP A 25 -24.30 -14.54 -18.63
N MET A 26 -24.94 -14.14 -17.54
CA MET A 26 -25.84 -14.99 -16.74
C MET A 26 -27.24 -15.06 -17.37
N GLU A 27 -27.53 -14.14 -18.28
CA GLU A 27 -28.82 -14.05 -18.95
C GLU A 27 -29.95 -13.84 -17.94
N LEU A 28 -29.77 -12.83 -17.11
CA LEU A 28 -30.68 -12.52 -16.06
C LEU A 28 -31.93 -12.03 -16.74
N PRO A 29 -33.11 -12.54 -16.30
CA PRO A 29 -34.37 -12.11 -16.93
C PRO A 29 -34.67 -10.64 -16.79
N ILE A 30 -34.14 -9.95 -15.78
CA ILE A 30 -34.36 -8.51 -15.64
C ILE A 30 -33.89 -7.68 -16.88
N LEU A 31 -32.98 -8.23 -17.67
CA LEU A 31 -32.45 -7.52 -18.80
C LEU A 31 -33.46 -7.47 -19.96
N GLU A 32 -34.49 -8.34 -19.93
CA GLU A 32 -35.60 -8.29 -20.91
C GLU A 32 -36.62 -7.21 -20.59
N GLU A 33 -36.61 -6.68 -19.38
CA GLU A 33 -37.65 -5.79 -18.89
C GLU A 33 -37.17 -4.34 -18.74
N VAL A 34 -35.86 -4.18 -18.60
CA VAL A 34 -35.25 -2.89 -18.29
C VAL A 34 -34.20 -2.67 -19.40
N SER A 35 -34.13 -1.44 -19.94
CA SER A 35 -33.10 -1.13 -20.97
C SER A 35 -31.69 -1.17 -20.35
N GLU A 36 -30.67 -1.42 -21.18
CA GLU A 36 -29.26 -1.36 -20.73
C GLU A 36 -28.90 -0.07 -19.99
N GLU A 37 -29.30 1.07 -20.55
CA GLU A 37 -29.00 2.36 -19.95
C GLU A 37 -29.53 2.41 -18.55
N GLN A 38 -30.75 1.89 -18.33
CA GLN A 38 -31.41 1.95 -16.99
C GLN A 38 -30.75 0.98 -16.04
N MET A 39 -30.39 -0.20 -16.55
CA MET A 39 -29.65 -1.15 -15.73
C MET A 39 -28.31 -0.56 -15.24
N ILE A 40 -27.60 0.16 -16.10
CA ILE A 40 -26.33 0.80 -15.75
C ILE A 40 -26.57 1.82 -14.64
N ASP A 41 -27.60 2.66 -14.78
CA ASP A 41 -27.94 3.63 -13.73
C ASP A 41 -28.28 3.01 -12.36
N LEU A 42 -28.98 1.88 -12.38
CA LEU A 42 -29.41 1.19 -11.18
C LEU A 42 -28.17 0.60 -10.47
N LEU A 43 -27.38 -0.19 -11.21
CA LEU A 43 -26.09 -0.69 -10.75
C LEU A 43 -25.23 0.42 -10.17
N ALA A 44 -25.08 1.56 -10.88
CA ALA A 44 -24.20 2.69 -10.42
C ALA A 44 -24.66 3.23 -9.13
N GLU A 45 -25.97 3.41 -9.02
CA GLU A 45 -26.52 3.83 -7.75
C GLU A 45 -26.25 2.83 -6.63
N ALA A 46 -26.32 1.51 -6.88
CA ALA A 46 -26.10 0.51 -5.80
C ALA A 46 -24.58 0.48 -5.29
N THR A 47 -23.70 0.73 -6.24
CA THR A 47 -22.25 0.99 -6.08
C THR A 47 -21.86 1.94 -4.92
N ALA A 48 -22.76 2.89 -4.62
CA ALA A 48 -22.53 3.88 -3.58
C ALA A 48 -22.75 3.31 -2.20
N TYR A 49 -23.42 2.17 -2.07
CA TYR A 49 -23.62 1.49 -0.76
C TYR A 49 -22.37 0.70 -0.32
N PRO A 50 -21.85 0.99 0.89
CA PRO A 50 -20.65 0.36 1.48
C PRO A 50 -20.62 -1.16 1.44
N THR A 51 -21.80 -1.75 1.68
CA THR A 51 -22.02 -3.20 1.78
C THR A 51 -22.44 -3.88 0.46
N TYR A 52 -22.71 -3.12 -0.58
CA TYR A 52 -23.11 -3.76 -1.85
C TYR A 52 -21.99 -4.67 -2.41
N ARG A 53 -22.40 -5.81 -3.01
CA ARG A 53 -21.52 -6.71 -3.76
C ARG A 53 -20.44 -5.95 -4.57
N TYR A 54 -20.87 -4.95 -5.32
CA TYR A 54 -20.00 -4.14 -6.12
C TYR A 54 -19.91 -2.76 -5.59
N GLY A 55 -20.03 -2.58 -4.27
CA GLY A 55 -19.81 -1.30 -3.64
C GLY A 55 -18.37 -0.87 -3.93
N TYR A 56 -18.14 0.42 -4.16
CA TYR A 56 -16.74 0.87 -4.40
C TYR A 56 -15.76 0.42 -3.32
N GLN A 57 -16.20 0.34 -2.08
CA GLN A 57 -15.33 -0.04 -1.00
C GLN A 57 -14.84 -1.49 -1.07
N ARG A 58 -15.47 -2.29 -1.92
CA ARG A 58 -15.14 -3.70 -2.06
C ARG A 58 -14.24 -3.92 -3.26
N ILE A 59 -13.94 -2.84 -3.97
CA ILE A 59 -13.32 -2.91 -5.28
C ILE A 59 -11.89 -2.30 -5.41
N LEU A 60 -11.05 -3.07 -6.11
CA LEU A 60 -9.74 -2.57 -6.53
C LEU A 60 -9.77 -2.26 -8.01
N VAL A 61 -9.22 -1.10 -8.38
CA VAL A 61 -9.29 -0.64 -9.79
C VAL A 61 -7.90 -0.77 -10.41
N TYR A 62 -7.83 -1.24 -11.66
CA TYR A 62 -6.63 -1.05 -12.47
C TYR A 62 -6.79 0.09 -13.48
N GLU A 63 -6.03 1.16 -13.32
CA GLU A 63 -6.16 2.33 -14.19
C GLU A 63 -5.12 2.33 -15.32
N HIS A 64 -5.58 2.29 -16.57
CA HIS A 64 -4.68 2.31 -17.69
C HIS A 64 -4.97 3.56 -18.52
N ALA A 65 -3.92 4.33 -18.81
CA ALA A 65 -4.05 5.61 -19.53
C ALA A 65 -5.08 6.49 -18.83
N GLY A 66 -4.97 6.58 -17.49
CA GLY A 66 -5.97 7.28 -16.63
C GLY A 66 -7.46 6.94 -16.81
N GLU A 67 -7.74 5.66 -17.05
CA GLU A 67 -9.08 5.18 -17.28
C GLU A 67 -9.21 3.82 -16.56
N VAL A 68 -10.38 3.55 -15.96
CA VAL A 68 -10.72 2.24 -15.37
C VAL A 68 -10.68 1.09 -16.39
N ALA A 69 -9.67 0.21 -16.29
CA ALA A 69 -9.46 -0.82 -17.30
C ALA A 69 -9.94 -2.21 -16.85
N GLY A 70 -10.06 -2.38 -15.53
CA GLY A 70 -10.38 -3.68 -14.90
C GLY A 70 -10.64 -3.42 -13.40
N ILE A 71 -11.41 -4.33 -12.79
CA ILE A 71 -11.72 -4.26 -11.38
C ILE A 71 -11.57 -5.67 -10.78
N ALA A 72 -11.18 -5.73 -9.52
CA ALA A 72 -11.15 -6.97 -8.74
C ALA A 72 -12.11 -6.68 -7.62
N VAL A 73 -13.04 -7.59 -7.42
CA VAL A 73 -14.15 -7.45 -6.44
C VAL A 73 -14.23 -8.68 -5.50
N GLY A 74 -14.33 -8.43 -4.19
CA GLY A 74 -14.38 -9.50 -3.22
C GLY A 74 -14.77 -8.98 -1.84
N TYR A 75 -14.93 -9.92 -0.88
CA TYR A 75 -15.50 -9.57 0.42
C TYR A 75 -15.19 -10.71 1.38
N PRO A 76 -15.15 -10.40 2.70
CA PRO A 76 -15.17 -11.50 3.74
C PRO A 76 -16.31 -12.45 3.47
N ALA A 77 -16.08 -13.76 3.56
CA ALA A 77 -17.15 -14.78 3.37
C ALA A 77 -18.43 -14.54 4.21
N GLU A 78 -18.28 -14.02 5.43
CA GLU A 78 -19.48 -13.77 6.27
C GLU A 78 -20.41 -12.68 5.72
N ASP A 79 -19.96 -11.94 4.67
CA ASP A 79 -20.75 -10.84 4.07
C ASP A 79 -21.63 -11.30 2.94
N GLU A 80 -21.57 -12.58 2.60
CA GLU A 80 -22.25 -13.09 1.41
C GLU A 80 -23.79 -13.01 1.37
N LYS A 81 -24.40 -12.97 2.55
CA LYS A 81 -25.82 -12.98 2.61
C LYS A 81 -26.39 -11.54 2.61
N ILE A 82 -25.56 -10.55 2.87
CA ILE A 82 -26.02 -9.17 2.91
C ILE A 82 -25.68 -8.31 1.66
N ILE A 83 -24.98 -8.89 0.67
CA ILE A 83 -24.31 -8.08 -0.39
C ILE A 83 -25.23 -7.55 -1.52
N ASP A 84 -26.33 -8.26 -1.75
CA ASP A 84 -27.32 -7.92 -2.79
C ASP A 84 -28.46 -7.03 -2.35
N GLU A 85 -28.61 -6.89 -1.02
CA GLU A 85 -29.65 -6.02 -0.43
C GLU A 85 -29.65 -4.61 -1.00
N PRO A 86 -28.50 -3.90 -1.00
CA PRO A 86 -28.47 -2.56 -1.64
C PRO A 86 -29.12 -2.44 -3.03
N LEU A 87 -28.90 -3.42 -3.91
CA LEU A 87 -29.51 -3.38 -5.27
C LEU A 87 -31.05 -3.55 -5.18
N ARG A 88 -31.53 -4.42 -4.30
CA ARG A 88 -32.98 -4.55 -4.03
C ARG A 88 -33.62 -3.24 -3.51
N GLU A 89 -32.92 -2.52 -2.65
CA GLU A 89 -33.31 -1.23 -2.15
C GLU A 89 -33.41 -0.19 -3.24
N VAL A 90 -32.41 -0.14 -4.12
CA VAL A 90 -32.38 0.73 -5.30
C VAL A 90 -33.54 0.39 -6.23
N PHE A 91 -33.74 -0.88 -6.57
CA PHE A 91 -35.00 -1.32 -7.27
C PHE A 91 -36.30 -0.81 -6.64
N LYS A 92 -36.50 -1.03 -5.36
CA LYS A 92 -37.71 -0.51 -4.68
C LYS A 92 -37.92 1.03 -4.79
N LYS A 93 -36.88 1.80 -4.52
CA LYS A 93 -36.82 3.23 -4.81
C LYS A 93 -37.28 3.65 -6.21
N HIS A 94 -37.00 2.82 -7.22
CA HIS A 94 -37.31 3.08 -8.62
C HIS A 94 -38.57 2.37 -9.16
N GLY A 95 -39.39 1.85 -8.24
CA GLY A 95 -40.67 1.21 -8.58
C GLY A 95 -40.58 -0.15 -9.18
N LEU A 96 -39.44 -0.84 -9.10
CA LEU A 96 -39.34 -2.18 -9.65
C LEU A 96 -39.52 -3.25 -8.54
N ALA A 97 -39.87 -4.48 -8.91
CA ALA A 97 -40.04 -5.54 -7.92
C ALA A 97 -38.70 -5.84 -7.22
N GLU A 98 -38.76 -5.87 -5.91
CA GLU A 98 -37.58 -5.96 -5.06
C GLU A 98 -36.97 -7.37 -5.17
N ASP A 99 -37.78 -8.34 -5.59
CA ASP A 99 -37.36 -9.72 -5.64
C ASP A 99 -36.91 -10.21 -7.03
N VAL A 100 -36.30 -9.30 -7.79
CA VAL A 100 -35.57 -9.62 -9.05
C VAL A 100 -34.58 -10.77 -8.74
N ARG A 101 -34.49 -11.75 -9.64
CA ARG A 101 -33.55 -12.83 -9.53
C ARG A 101 -32.12 -12.30 -9.82
N LEU A 102 -31.19 -12.59 -8.90
CA LEU A 102 -29.82 -12.09 -8.93
C LEU A 102 -28.92 -13.30 -8.80
N PHE A 103 -28.00 -13.28 -7.84
CA PHE A 103 -27.11 -14.46 -7.64
C PHE A 103 -27.60 -15.38 -6.55
N ILE A 104 -27.38 -16.65 -6.77
CA ILE A 104 -27.45 -17.62 -5.69
C ILE A 104 -26.20 -17.45 -4.80
N GLU A 105 -26.43 -17.22 -3.51
CA GLU A 105 -25.40 -16.74 -2.56
C GLU A 105 -24.78 -17.93 -1.78
N GLU A 106 -24.30 -18.92 -2.53
CA GLU A 106 -23.79 -20.13 -1.89
C GLU A 106 -22.37 -20.55 -2.33
N GLU A 107 -21.47 -19.58 -2.48
CA GLU A 107 -20.23 -19.85 -3.17
C GLU A 107 -18.94 -19.72 -2.32
N THR A 108 -19.05 -19.17 -1.13
CA THR A 108 -17.91 -18.95 -0.25
C THR A 108 -17.71 -20.07 0.77
N LEU A 109 -16.49 -20.16 1.32
CA LEU A 109 -16.19 -20.93 2.53
C LEU A 109 -15.89 -20.01 3.74
N PRO A 110 -16.19 -20.49 4.99
CA PRO A 110 -15.92 -19.64 6.18
C PRO A 110 -14.47 -19.15 6.26
N ASN A 111 -14.19 -17.98 6.80
CA ASN A 111 -12.79 -17.58 7.02
C ASN A 111 -11.85 -17.21 5.82
N GLU A 112 -12.36 -17.25 4.59
CA GLU A 112 -11.64 -16.67 3.46
C GLU A 112 -12.08 -15.21 3.17
N TRP A 113 -11.20 -14.41 2.56
CA TRP A 113 -11.62 -13.26 1.78
C TRP A 113 -11.95 -13.83 0.38
N TYR A 114 -13.22 -13.72 -0.01
CA TYR A 114 -13.66 -14.36 -1.22
C TYR A 114 -13.56 -13.43 -2.47
N LEU A 115 -12.88 -13.91 -3.52
CA LEU A 115 -12.78 -13.19 -4.78
C LEU A 115 -14.01 -13.50 -5.61
N ASP A 116 -14.89 -12.50 -5.72
CA ASP A 116 -16.11 -12.59 -6.49
C ASP A 116 -15.85 -12.49 -8.01
N THR A 117 -15.12 -11.43 -8.42
CA THR A 117 -14.85 -11.27 -9.81
C THR A 117 -13.61 -10.46 -10.14
N ILE A 118 -12.93 -10.86 -11.20
CA ILE A 118 -11.93 -9.97 -11.85
C ILE A 118 -12.44 -9.70 -13.26
N SER A 119 -12.68 -8.45 -13.58
CA SER A 119 -13.27 -8.04 -14.84
C SER A 119 -12.39 -7.04 -15.53
N VAL A 120 -12.08 -7.32 -16.79
CA VAL A 120 -11.27 -6.42 -17.60
C VAL A 120 -12.14 -5.87 -18.71
N ASP A 121 -12.17 -4.56 -18.84
CA ASP A 121 -12.75 -3.89 -20.01
C ASP A 121 -12.30 -4.56 -21.34
N GLU A 122 -13.27 -4.86 -22.20
CA GLU A 122 -13.07 -5.48 -23.52
C GLU A 122 -12.06 -4.71 -24.38
N ARG A 123 -12.01 -3.38 -24.26
CA ARG A 123 -11.00 -2.62 -24.95
C ARG A 123 -9.55 -2.91 -24.47
N PHE A 124 -9.39 -3.55 -23.29
CA PHE A 124 -8.05 -3.73 -22.71
C PHE A 124 -7.70 -5.18 -22.47
N ARG A 125 -8.23 -6.08 -23.30
CA ARG A 125 -7.93 -7.47 -23.17
C ARG A 125 -6.55 -7.72 -23.70
N GLY A 126 -5.90 -8.73 -23.13
CA GLY A 126 -4.69 -9.24 -23.72
C GLY A 126 -3.51 -8.46 -23.22
N MET A 127 -3.72 -7.62 -22.20
CA MET A 127 -2.67 -6.77 -21.61
C MET A 127 -2.22 -7.17 -20.20
N GLY A 128 -2.51 -8.37 -19.75
CA GLY A 128 -2.01 -8.72 -18.40
C GLY A 128 -2.77 -8.14 -17.17
N ILE A 129 -3.89 -7.43 -17.37
CA ILE A 129 -4.56 -6.67 -16.27
C ILE A 129 -5.19 -7.55 -15.19
N GLY A 130 -5.87 -8.63 -15.60
CA GLY A 130 -6.49 -9.55 -14.67
C GLY A 130 -5.48 -10.19 -13.74
N SER A 131 -4.33 -10.51 -14.32
CA SER A 131 -3.35 -11.27 -13.63
C SER A 131 -2.62 -10.34 -12.71
N LYS A 132 -2.46 -9.07 -13.08
CA LYS A 132 -1.93 -8.06 -12.12
C LYS A 132 -2.88 -7.67 -10.97
N LEU A 133 -4.17 -7.60 -11.25
CA LEU A 133 -5.16 -7.37 -10.23
C LEU A 133 -5.12 -8.49 -9.18
N LEU A 134 -4.99 -9.71 -9.66
CA LEU A 134 -4.92 -10.90 -8.84
C LEU A 134 -3.65 -10.88 -7.95
N ASP A 135 -2.51 -10.44 -8.50
CA ASP A 135 -1.28 -10.26 -7.69
C ASP A 135 -1.44 -9.31 -6.48
N ALA A 136 -2.37 -8.37 -6.57
CA ALA A 136 -2.56 -7.29 -5.60
C ALA A 136 -3.49 -7.70 -4.50
N LEU A 137 -4.11 -8.85 -4.67
CA LEU A 137 -5.19 -9.25 -3.76
C LEU A 137 -4.79 -9.79 -2.38
N PRO A 138 -3.61 -10.47 -2.22
CA PRO A 138 -3.20 -10.91 -0.87
C PRO A 138 -3.16 -9.81 0.17
N GLU A 139 -2.65 -8.67 -0.17
CA GLU A 139 -2.66 -7.52 0.75
C GLU A 139 -4.08 -7.06 1.16
N VAL A 140 -5.01 -7.14 0.21
CA VAL A 140 -6.42 -6.92 0.48
C VAL A 140 -6.99 -7.98 1.48
N ALA A 141 -6.85 -9.28 1.20
CA ALA A 141 -7.21 -10.28 2.16
C ALA A 141 -6.57 -9.93 3.53
N LYS A 142 -5.25 -9.80 3.59
CA LYS A 142 -4.53 -9.53 4.84
C LYS A 142 -5.13 -8.33 5.62
N ALA A 143 -5.25 -7.18 4.98
CA ALA A 143 -5.85 -6.01 5.61
C ALA A 143 -7.29 -6.25 6.06
N SER A 144 -7.83 -7.40 5.76
CA SER A 144 -9.22 -7.69 6.08
C SER A 144 -9.22 -8.63 7.29
N GLY A 145 -8.02 -8.97 7.76
CA GLY A 145 -7.87 -9.95 8.83
C GLY A 145 -8.12 -11.38 8.42
N LYS A 146 -8.08 -11.66 7.13
CA LYS A 146 -8.29 -13.01 6.66
C LYS A 146 -6.92 -13.68 6.34
N GLN A 147 -6.82 -14.99 6.57
CA GLN A 147 -5.59 -15.73 6.31
C GLN A 147 -5.69 -16.62 5.09
N ALA A 148 -6.83 -16.60 4.42
CA ALA A 148 -7.03 -17.31 3.18
C ALA A 148 -7.79 -16.36 2.20
N LEU A 149 -7.42 -16.46 0.93
CA LEU A 149 -8.03 -15.70 -0.15
C LEU A 149 -8.65 -16.84 -0.93
N GLY A 150 -9.96 -16.81 -1.24
CA GLY A 150 -10.54 -17.98 -1.94
C GLY A 150 -11.30 -17.63 -3.20
N LEU A 151 -11.61 -18.62 -4.05
CA LEU A 151 -12.25 -18.35 -5.34
C LEU A 151 -12.90 -19.61 -5.88
N ASN A 152 -13.80 -19.47 -6.85
CA ASN A 152 -14.34 -20.64 -7.52
C ASN A 152 -13.92 -20.53 -8.98
N VAL A 153 -13.48 -21.65 -9.57
CA VAL A 153 -13.20 -21.75 -11.02
C VAL A 153 -14.04 -22.88 -11.58
N ASP A 154 -14.76 -22.57 -12.65
CA ASP A 154 -15.50 -23.57 -13.40
C ASP A 154 -14.60 -24.69 -13.87
N PHE A 155 -15.04 -25.93 -13.63
CA PHE A 155 -14.44 -27.18 -14.13
C PHE A 155 -14.01 -27.13 -15.59
N ASP A 156 -14.75 -26.37 -16.38
CA ASP A 156 -14.50 -26.24 -17.80
C ASP A 156 -13.64 -25.00 -18.12
N ASN A 157 -12.92 -24.54 -17.10
CA ASN A 157 -11.94 -23.48 -17.29
C ASN A 157 -10.62 -23.92 -16.70
N PRO A 158 -10.00 -24.95 -17.29
CA PRO A 158 -8.76 -25.48 -16.71
C PRO A 158 -7.61 -24.49 -16.96
N GLY A 159 -7.73 -23.64 -17.97
CA GLY A 159 -6.77 -22.58 -18.15
C GLY A 159 -6.71 -21.60 -16.99
N ALA A 160 -7.88 -21.20 -16.46
CA ALA A 160 -7.95 -20.23 -15.37
C ALA A 160 -7.42 -20.92 -14.17
N ARG A 161 -7.81 -22.17 -14.02
CA ARG A 161 -7.39 -22.92 -12.88
C ARG A 161 -5.86 -23.09 -12.79
N LYS A 162 -5.21 -23.32 -13.96
CA LYS A 162 -3.74 -23.30 -14.05
C LYS A 162 -3.12 -21.95 -13.67
N LEU A 163 -3.74 -20.89 -14.16
CA LEU A 163 -3.34 -19.53 -13.79
C LEU A 163 -3.31 -19.39 -12.25
N TYR A 164 -4.40 -19.79 -11.56
CA TYR A 164 -4.49 -19.63 -10.09
C TYR A 164 -3.52 -20.54 -9.35
N ALA A 165 -3.44 -21.79 -9.78
CA ALA A 165 -2.39 -22.71 -9.30
C ALA A 165 -0.98 -22.08 -9.25
N SER A 166 -0.61 -21.36 -10.31
CA SER A 166 0.73 -20.83 -10.50
C SER A 166 0.94 -19.63 -9.59
N LYS A 167 -0.15 -19.14 -9.00
CA LYS A 167 -0.12 -17.94 -8.17
C LYS A 167 -0.20 -18.40 -6.74
N GLY A 168 -0.21 -19.71 -6.52
CA GLY A 168 -0.22 -20.27 -5.16
C GLY A 168 -1.58 -20.77 -4.64
N PHE A 169 -2.62 -20.80 -5.50
CA PHE A 169 -3.95 -21.33 -5.12
C PHE A 169 -3.98 -22.89 -5.14
N LYS A 170 -4.71 -23.49 -4.20
CA LYS A 170 -4.80 -24.94 -4.01
C LYS A 170 -6.25 -25.34 -3.93
N ASP A 171 -6.62 -26.40 -4.64
CA ASP A 171 -7.92 -27.01 -4.59
C ASP A 171 -8.26 -27.36 -3.17
N VAL A 172 -9.48 -27.00 -2.73
CA VAL A 172 -9.95 -27.19 -1.35
C VAL A 172 -11.30 -27.97 -1.32
N THR A 173 -12.24 -27.67 -2.22
CA THR A 173 -13.51 -28.41 -2.32
C THR A 173 -14.02 -28.34 -3.74
N THR A 174 -15.24 -28.85 -3.95
CA THR A 174 -15.98 -28.81 -5.21
C THR A 174 -17.41 -28.25 -4.93
N MET A 175 -17.91 -27.34 -5.76
CA MET A 175 -19.29 -26.83 -5.62
C MET A 175 -20.08 -27.00 -6.90
N THR A 176 -21.41 -27.10 -6.80
CA THR A 176 -22.30 -27.02 -7.97
C THR A 176 -23.20 -25.81 -7.79
N ILE A 177 -23.08 -24.82 -8.66
CA ILE A 177 -23.96 -23.64 -8.57
C ILE A 177 -24.66 -23.39 -9.90
N SER A 178 -26.00 -23.36 -9.86
CA SER A 178 -26.87 -23.24 -11.05
C SER A 178 -26.48 -24.20 -12.19
N GLY A 179 -26.17 -25.45 -11.83
CA GLY A 179 -25.84 -26.50 -12.79
C GLY A 179 -24.36 -26.65 -13.15
N HIS A 180 -23.60 -25.58 -12.96
CA HIS A 180 -22.16 -25.57 -13.25
C HIS A 180 -21.35 -26.08 -12.06
N LEU A 181 -20.39 -26.97 -12.31
CA LEU A 181 -19.48 -27.43 -11.23
C LEU A 181 -18.23 -26.54 -11.13
N TYR A 182 -17.76 -26.29 -9.91
CA TYR A 182 -16.61 -25.42 -9.68
C TYR A 182 -15.61 -26.07 -8.75
N ASN A 183 -14.31 -25.78 -8.95
CA ASN A 183 -13.27 -25.99 -7.92
C ASN A 183 -13.15 -24.77 -7.01
N HIS A 184 -13.30 -24.98 -5.70
CA HIS A 184 -13.04 -23.89 -4.79
C HIS A 184 -11.59 -24.02 -4.38
N MET A 185 -10.82 -22.94 -4.60
CA MET A 185 -9.39 -22.91 -4.37
C MET A 185 -9.08 -21.83 -3.32
N GLN A 186 -8.03 -22.01 -2.54
CA GLN A 186 -7.62 -20.99 -1.58
C GLN A 186 -6.15 -20.81 -1.64
N LYS A 187 -5.70 -19.66 -1.25
CA LYS A 187 -4.30 -19.36 -1.17
C LYS A 187 -4.10 -18.78 0.20
N GLU A 188 -3.10 -19.27 0.91
CA GLU A 188 -2.78 -18.75 2.24
C GLU A 188 -2.19 -17.33 2.20
N VAL A 189 -2.52 -16.54 3.21
CA VAL A 189 -2.18 -15.13 3.27
C VAL A 189 -1.47 -14.82 4.62
N GLU A 190 -0.47 -13.93 4.59
CA GLU A 190 0.33 -13.54 5.79
C GLU A 190 -0.43 -12.74 6.88
N SER B 2 5.45 1.78 -15.87
CA SER B 2 5.29 2.62 -14.69
C SER B 2 4.02 2.17 -14.00
N LEU B 3 4.09 2.08 -12.69
CA LEU B 3 2.97 1.61 -11.91
C LEU B 3 2.98 2.37 -10.58
N ILE B 4 1.90 3.06 -10.25
CA ILE B 4 1.79 3.53 -8.93
C ILE B 4 0.91 2.54 -8.19
N ARG B 5 1.33 2.16 -6.98
CA ARG B 5 0.62 1.16 -6.20
C ARG B 5 0.97 1.33 -4.72
N SER B 6 0.16 0.75 -3.87
CA SER B 6 0.48 0.67 -2.47
C SER B 6 1.81 -0.05 -2.28
N ALA B 7 2.63 0.36 -1.30
CA ALA B 7 3.81 -0.41 -0.88
C ALA B 7 3.33 -1.71 -0.26
N THR B 8 4.21 -2.72 -0.29
CA THR B 8 3.96 -4.04 0.30
C THR B 8 5.11 -4.23 1.30
N LYS B 9 4.99 -5.24 2.15
CA LYS B 9 6.06 -5.60 3.08
C LYS B 9 7.47 -5.72 2.44
N GLU B 10 7.48 -6.27 1.22
CA GLU B 10 8.70 -6.56 0.44
C GLU B 10 9.41 -5.33 -0.09
N ASP B 11 8.77 -4.16 0.00
CA ASP B 11 9.41 -2.89 -0.36
C ASP B 11 10.25 -2.28 0.77
N GLY B 12 10.36 -2.92 1.93
CA GLY B 12 11.14 -2.40 3.08
C GLY B 12 12.52 -1.92 2.80
N GLN B 13 13.32 -2.77 2.17
CA GLN B 13 14.68 -2.38 1.77
C GLN B 13 14.68 -1.20 0.81
N ALA B 14 13.84 -1.16 -0.23
CA ALA B 14 13.82 0.08 -1.11
C ALA B 14 13.38 1.37 -0.36
N ILE B 15 12.36 1.25 0.48
CA ILE B 15 11.89 2.37 1.28
C ILE B 15 13.03 2.83 2.20
N ALA B 16 13.73 1.90 2.84
CA ALA B 16 14.86 2.24 3.76
C ALA B 16 15.99 3.03 3.10
N ARG B 17 16.27 2.68 1.85
CA ARG B 17 17.32 3.37 1.09
C ARG B 17 16.91 4.74 0.74
N LEU B 18 15.63 4.91 0.43
CA LEU B 18 15.14 6.23 0.11
C LEU B 18 15.05 7.16 1.37
N VAL B 19 14.69 6.59 2.50
CA VAL B 19 14.63 7.32 3.80
C VAL B 19 16.06 7.68 4.32
N LEU B 20 17.01 6.75 4.12
CA LEU B 20 18.42 7.03 4.37
C LEU B 20 18.93 8.32 3.73
N VAL B 21 18.56 8.61 2.46
CA VAL B 21 18.83 9.92 1.89
C VAL B 21 18.21 11.12 2.66
N ILE B 22 17.01 10.94 3.22
CA ILE B 22 16.40 11.98 4.06
C ILE B 22 17.22 12.20 5.37
N LEU B 23 17.48 11.16 6.14
CA LEU B 23 18.43 11.24 7.24
C LEU B 23 19.72 11.64 6.51
N LYS B 24 20.71 12.28 7.08
CA LYS B 24 21.89 12.50 6.15
C LYS B 24 21.84 13.84 5.55
N ASP B 25 20.78 14.08 4.78
CA ASP B 25 20.36 15.42 4.45
C ASP B 25 20.02 16.25 5.72
N MET B 26 19.33 15.63 6.70
CA MET B 26 19.13 16.20 8.04
C MET B 26 20.43 16.25 8.85
N GLU B 27 21.36 15.36 8.51
CA GLU B 27 22.62 15.20 9.20
C GLU B 27 22.46 14.62 10.60
N LEU B 28 21.76 13.48 10.69
CA LEU B 28 21.44 12.94 11.99
C LEU B 28 22.69 12.43 12.69
N PRO B 29 22.87 12.78 13.97
CA PRO B 29 24.06 12.31 14.64
C PRO B 29 24.24 10.78 14.60
N ILE B 30 23.14 10.03 14.61
CA ILE B 30 23.21 8.57 14.63
C ILE B 30 24.02 8.00 13.44
N LEU B 31 24.14 8.77 12.36
CA LEU B 31 24.80 8.28 11.16
C LEU B 31 26.34 8.24 11.31
N GLU B 32 26.84 8.75 12.43
CA GLU B 32 28.26 8.68 12.77
C GLU B 32 28.53 7.43 13.61
N GLU B 33 27.49 6.83 14.17
CA GLU B 33 27.69 5.76 15.14
C GLU B 33 27.33 4.40 14.56
N VAL B 34 26.64 4.42 13.44
CA VAL B 34 26.02 3.23 12.86
C VAL B 34 26.47 3.25 11.40
N SER B 35 26.82 2.10 10.84
CA SER B 35 27.10 2.10 9.38
C SER B 35 25.80 2.24 8.54
N GLU B 36 25.93 2.77 7.34
CA GLU B 36 24.86 2.81 6.33
C GLU B 36 24.15 1.48 6.17
N GLU B 37 24.90 0.38 6.09
CA GLU B 37 24.25 -0.92 5.94
C GLU B 37 23.35 -1.27 7.15
N GLN B 38 23.83 -0.95 8.35
CA GLN B 38 23.11 -1.23 9.59
C GLN B 38 21.89 -0.31 9.68
N MET B 39 22.06 0.95 9.31
CA MET B 39 20.98 1.93 9.31
C MET B 39 19.83 1.52 8.37
N ILE B 40 20.16 1.05 7.16
CA ILE B 40 19.23 0.49 6.19
C ILE B 40 18.45 -0.67 6.79
N ASP B 41 19.15 -1.62 7.41
CA ASP B 41 18.48 -2.79 8.05
C ASP B 41 17.53 -2.45 9.22
N LEU B 42 17.92 -1.44 10.00
CA LEU B 42 17.14 -0.96 11.14
C LEU B 42 15.84 -0.31 10.60
N LEU B 43 16.00 0.62 9.67
CA LEU B 43 14.88 1.24 8.94
C LEU B 43 13.97 0.23 8.28
N ALA B 44 14.54 -0.74 7.58
CA ALA B 44 13.74 -1.77 6.86
C ALA B 44 12.95 -2.63 7.80
N GLU B 45 13.55 -2.96 8.95
CA GLU B 45 12.81 -3.70 10.01
C GLU B 45 11.66 -2.85 10.64
N ALA B 46 11.85 -1.53 10.75
CA ALA B 46 10.76 -0.63 11.23
C ALA B 46 9.61 -0.52 10.23
N THR B 47 9.94 -0.53 8.93
CA THR B 47 8.87 -0.47 7.90
C THR B 47 7.86 -1.60 8.01
N ALA B 48 8.15 -2.65 8.77
CA ALA B 48 7.22 -3.76 8.92
C ALA B 48 6.19 -3.49 10.04
N TYR B 49 6.36 -2.38 10.76
CA TYR B 49 5.38 -1.95 11.77
C TYR B 49 4.34 -1.04 11.16
N PRO B 50 3.06 -1.40 11.29
CA PRO B 50 2.02 -0.63 10.55
C PRO B 50 1.95 0.85 10.91
N THR B 51 2.33 1.20 12.14
CA THR B 51 2.12 2.52 12.63
C THR B 51 3.39 3.33 12.50
N TYR B 52 4.45 2.74 11.93
CA TYR B 52 5.69 3.44 11.73
C TYR B 52 5.49 4.60 10.71
N ARG B 53 6.15 5.74 10.93
CA ARG B 53 6.23 6.82 9.96
C ARG B 53 6.39 6.28 8.54
N TYR B 54 7.33 5.34 8.34
CA TYR B 54 7.55 4.72 7.03
C TYR B 54 7.11 3.27 6.96
N GLY B 55 6.08 2.91 7.74
CA GLY B 55 5.52 1.60 7.67
C GLY B 55 4.86 1.51 6.29
N TYR B 56 4.94 0.34 5.67
CA TYR B 56 4.63 0.23 4.26
C TYR B 56 3.16 0.58 3.93
N GLN B 57 2.28 0.43 4.93
CA GLN B 57 0.85 0.75 4.85
C GLN B 57 0.59 2.24 4.72
N ARG B 58 1.58 3.06 5.00
CA ARG B 58 1.43 4.51 4.92
C ARG B 58 1.96 5.03 3.61
N ILE B 59 2.42 4.13 2.75
CA ILE B 59 3.23 4.52 1.63
C ILE B 59 2.67 4.12 0.26
N LEU B 60 2.82 5.05 -0.71
CA LEU B 60 2.55 4.78 -2.12
C LEU B 60 3.89 4.76 -2.87
N VAL B 61 4.02 3.82 -3.78
CA VAL B 61 5.24 3.50 -4.51
C VAL B 61 5.02 3.81 -5.97
N TYR B 62 6.03 4.37 -6.60
CA TYR B 62 6.05 4.56 -8.05
C TYR B 62 7.09 3.55 -8.58
N GLU B 63 6.64 2.54 -9.30
CA GLU B 63 7.53 1.53 -9.87
C GLU B 63 7.95 1.92 -11.28
N HIS B 64 9.25 1.91 -11.54
CA HIS B 64 9.76 2.14 -12.88
C HIS B 64 10.72 0.98 -13.20
N ALA B 65 10.54 0.39 -14.39
CA ALA B 65 11.32 -0.77 -14.82
C ALA B 65 11.20 -1.86 -13.75
N GLY B 66 9.95 -1.98 -13.24
CA GLY B 66 9.59 -2.91 -12.15
C GLY B 66 10.28 -2.71 -10.81
N GLU B 67 11.08 -1.65 -10.63
CA GLU B 67 11.67 -1.41 -9.32
C GLU B 67 11.11 -0.14 -8.66
N VAL B 68 11.14 -0.06 -7.33
CA VAL B 68 10.69 1.14 -6.61
C VAL B 68 11.52 2.40 -6.98
N ALA B 69 10.89 3.41 -7.53
CA ALA B 69 11.65 4.55 -8.01
C ALA B 69 11.35 5.83 -7.19
N GLY B 70 10.23 5.79 -6.48
CA GLY B 70 9.82 6.90 -5.62
C GLY B 70 8.79 6.43 -4.62
N ILE B 71 8.67 7.20 -3.53
CA ILE B 71 7.67 6.90 -2.52
C ILE B 71 6.95 8.18 -2.11
N ALA B 72 5.67 8.07 -1.79
CA ALA B 72 4.91 9.16 -1.15
C ALA B 72 4.41 8.62 0.18
N VAL B 73 4.73 9.32 1.24
CA VAL B 73 4.47 8.89 2.63
C VAL B 73 3.69 9.96 3.41
N GLY B 74 2.60 9.52 4.08
CA GLY B 74 1.79 10.43 4.84
C GLY B 74 0.91 9.71 5.84
N TYR B 75 0.23 10.49 6.69
CA TYR B 75 -0.58 9.93 7.77
C TYR B 75 -1.58 10.98 8.24
N PRO B 76 -2.71 10.51 8.85
CA PRO B 76 -3.60 11.38 9.61
C PRO B 76 -2.78 12.17 10.67
N ALA B 77 -3.02 13.48 10.74
CA ALA B 77 -2.39 14.31 11.77
C ALA B 77 -2.40 13.69 13.19
N GLU B 78 -3.47 12.99 13.57
CA GLU B 78 -3.53 12.43 14.91
C GLU B 78 -2.50 11.29 15.16
N ASP B 79 -1.80 10.86 14.10
CA ASP B 79 -0.83 9.78 14.22
C ASP B 79 0.56 10.34 14.49
N GLU B 80 0.70 11.66 14.52
CA GLU B 80 2.02 12.22 14.37
C GLU B 80 2.96 12.02 15.56
N LYS B 81 2.40 11.73 16.72
CA LYS B 81 3.17 11.60 17.95
C LYS B 81 3.55 10.13 18.24
N ILE B 82 2.88 9.19 17.59
CA ILE B 82 3.19 7.75 17.73
C ILE B 82 4.04 7.11 16.55
N ILE B 83 4.30 7.83 15.45
CA ILE B 83 4.91 7.26 14.24
C ILE B 83 6.38 6.82 14.36
N ASP B 84 7.14 7.47 15.25
CA ASP B 84 8.55 7.13 15.47
C ASP B 84 8.81 6.00 16.47
N GLU B 85 7.80 5.65 17.28
CA GLU B 85 7.88 4.58 18.30
C GLU B 85 8.39 3.24 17.76
N PRO B 86 7.86 2.74 16.62
CA PRO B 86 8.47 1.51 16.09
C PRO B 86 9.96 1.53 15.87
N LEU B 87 10.53 2.63 15.39
CA LEU B 87 11.99 2.69 15.14
C LEU B 87 12.74 2.65 16.50
N ARG B 88 12.17 3.24 17.53
CA ARG B 88 12.81 3.18 18.85
C ARG B 88 12.77 1.76 19.41
N GLU B 89 11.69 1.01 19.17
CA GLU B 89 11.57 -0.40 19.57
C GLU B 89 12.67 -1.21 18.89
N VAL B 90 12.73 -1.19 17.55
CA VAL B 90 13.90 -1.59 16.79
C VAL B 90 14.92 -0.64 17.38
N PHE B 91 16.21 -0.79 17.33
CA PHE B 91 17.00 0.10 18.22
C PHE B 91 17.14 -0.52 19.63
N LYS B 92 16.10 -0.50 20.44
CA LYS B 92 16.17 -1.17 21.73
C LYS B 92 16.51 -2.67 21.57
N LYS B 93 15.78 -3.35 20.68
CA LYS B 93 16.03 -4.72 20.33
C LYS B 93 17.47 -4.96 19.83
N HIS B 94 18.10 -3.96 19.24
CA HIS B 94 19.46 -4.09 18.79
C HIS B 94 20.45 -3.44 19.77
N GLY B 95 20.06 -3.18 21.01
CA GLY B 95 21.00 -2.68 21.99
C GLY B 95 21.43 -1.24 21.79
N LEU B 96 20.72 -0.50 20.94
CA LEU B 96 21.02 0.94 20.72
C LEU B 96 20.20 1.80 21.70
N ALA B 97 20.78 2.96 22.06
CA ALA B 97 20.21 3.94 22.99
C ALA B 97 18.72 4.23 22.78
N GLU B 98 18.20 4.42 21.58
CA GLU B 98 16.71 4.50 21.64
C GLU B 98 16.05 5.91 21.84
N ASP B 99 16.68 6.75 22.65
CA ASP B 99 16.39 8.16 22.58
C ASP B 99 17.28 8.83 21.51
N VAL B 100 17.51 8.10 20.42
CA VAL B 100 18.20 8.67 19.25
C VAL B 100 17.43 9.93 18.78
N ARG B 101 18.11 11.01 18.40
CA ARG B 101 17.43 12.13 17.76
C ARG B 101 16.92 11.75 16.36
N LEU B 102 15.64 12.00 16.11
CA LEU B 102 15.00 11.70 14.87
C LEU B 102 13.90 12.66 14.55
N PHE B 103 14.02 13.82 14.00
CA PHE B 103 12.61 14.46 13.65
C PHE B 103 11.71 14.99 14.78
N ILE B 104 11.53 16.30 14.71
CA ILE B 104 10.64 17.02 15.60
C ILE B 104 9.19 16.88 15.08
N GLU B 105 8.31 16.50 15.99
CA GLU B 105 6.97 16.03 15.68
C GLU B 105 5.91 17.15 15.75
N GLU B 106 6.20 18.28 15.12
CA GLU B 106 5.27 19.41 15.17
C GLU B 106 4.97 20.11 13.83
N GLU B 107 4.49 19.37 12.85
CA GLU B 107 4.35 19.96 11.53
C GLU B 107 2.96 19.93 10.88
N THR B 108 2.02 19.30 11.58
CA THR B 108 0.67 19.08 11.12
C THR B 108 -0.31 20.11 11.68
N LEU B 109 -1.47 20.20 11.05
CA LEU B 109 -2.66 20.84 11.57
C LEU B 109 -3.70 19.70 11.75
N PRO B 110 -4.60 19.80 12.77
CA PRO B 110 -5.68 18.77 12.97
C PRO B 110 -6.48 18.72 11.70
N ASN B 111 -7.31 17.76 11.40
CA ASN B 111 -8.09 18.07 10.14
C ASN B 111 -7.47 17.62 8.78
N GLU B 112 -6.18 17.33 8.77
CA GLU B 112 -5.52 16.97 7.49
C GLU B 112 -4.95 15.52 7.50
N TRP B 113 -4.90 14.91 6.32
CA TRP B 113 -3.95 13.81 6.11
C TRP B 113 -2.68 14.56 5.69
N TYR B 114 -1.60 14.32 6.40
CA TYR B 114 -0.38 15.12 6.25
C TYR B 114 0.68 14.37 5.36
N LEU B 115 1.20 15.09 4.35
CA LEU B 115 2.20 14.56 3.48
C LEU B 115 3.57 14.74 4.11
N ASP B 116 4.15 13.63 4.53
CA ASP B 116 5.42 13.66 5.16
C ASP B 116 6.56 13.84 4.13
N THR B 117 6.55 13.01 3.10
CA THR B 117 7.56 13.11 2.07
C THR B 117 7.12 12.53 0.76
N ILE B 118 7.59 13.19 -0.28
CA ILE B 118 7.76 12.57 -1.59
C ILE B 118 9.26 12.49 -1.93
N SER B 119 9.78 11.27 -2.11
CA SER B 119 11.16 10.99 -2.38
C SER B 119 11.30 10.25 -3.65
N VAL B 120 12.16 10.78 -4.52
CA VAL B 120 12.45 10.16 -5.82
C VAL B 120 13.88 9.69 -5.82
N ASP B 121 14.09 8.43 -6.11
CA ASP B 121 15.44 7.91 -6.33
C ASP B 121 16.26 8.79 -7.30
N GLU B 122 17.53 9.05 -6.97
CA GLU B 122 18.42 9.95 -7.77
C GLU B 122 18.53 9.52 -9.23
N ARG B 123 18.49 8.22 -9.47
CA ARG B 123 18.65 7.69 -10.82
C ARG B 123 17.45 8.07 -11.63
N PHE B 124 16.35 8.49 -10.99
CA PHE B 124 15.09 8.63 -11.71
C PHE B 124 14.47 10.01 -11.71
N ARG B 125 15.32 11.02 -11.63
CA ARG B 125 14.94 12.45 -11.68
C ARG B 125 14.63 12.86 -13.08
N GLY B 126 13.76 13.84 -13.19
CA GLY B 126 13.46 14.36 -14.51
C GLY B 126 12.39 13.57 -15.18
N MET B 127 11.71 12.66 -14.45
CA MET B 127 10.68 11.82 -15.07
C MET B 127 9.23 12.15 -14.66
N GLY B 128 9.06 13.26 -13.94
CA GLY B 128 7.77 13.67 -13.39
C GLY B 128 7.23 12.74 -12.31
N ILE B 129 8.07 11.92 -11.70
CA ILE B 129 7.57 10.98 -10.66
C ILE B 129 6.94 11.68 -9.42
N GLY B 130 7.54 12.76 -8.88
CA GLY B 130 7.08 13.31 -7.60
C GLY B 130 5.72 13.92 -7.82
N SER B 131 5.56 14.41 -9.03
CA SER B 131 4.32 15.08 -9.42
C SER B 131 3.17 14.09 -9.70
N LYS B 132 3.49 12.92 -10.27
CA LYS B 132 2.50 11.85 -10.41
C LYS B 132 2.15 11.24 -9.06
N LEU B 133 3.12 11.12 -8.16
CA LEU B 133 2.80 10.65 -6.82
C LEU B 133 1.83 11.57 -6.16
N LEU B 134 2.06 12.87 -6.23
CA LEU B 134 1.21 13.83 -5.52
C LEU B 134 -0.24 13.80 -5.99
N ASP B 135 -0.45 13.64 -7.29
CA ASP B 135 -1.76 13.47 -7.90
C ASP B 135 -2.58 12.29 -7.41
N ALA B 136 -1.95 11.23 -6.89
CA ALA B 136 -2.64 10.02 -6.46
C ALA B 136 -2.99 10.12 -5.02
N LEU B 137 -2.61 11.21 -4.38
CA LEU B 137 -2.76 11.30 -2.91
C LEU B 137 -4.14 11.81 -2.43
N PRO B 138 -4.80 12.74 -3.19
CA PRO B 138 -6.08 13.29 -2.65
C PRO B 138 -7.12 12.22 -2.26
N GLU B 139 -7.21 11.16 -3.02
CA GLU B 139 -8.11 10.08 -2.69
C GLU B 139 -7.71 9.31 -1.46
N VAL B 140 -6.42 9.07 -1.27
CA VAL B 140 -5.88 8.55 -0.05
C VAL B 140 -6.28 9.39 1.18
N ALA B 141 -6.13 10.71 1.08
CA ALA B 141 -6.45 11.59 2.20
C ALA B 141 -7.94 11.47 2.51
N LYS B 142 -8.74 11.62 1.48
CA LYS B 142 -10.19 11.46 1.56
C LYS B 142 -10.60 10.09 2.13
N ALA B 143 -10.05 8.99 1.64
CA ALA B 143 -10.44 7.72 2.22
C ALA B 143 -10.09 7.62 3.71
N SER B 144 -9.05 8.29 4.19
CA SER B 144 -8.78 8.25 5.62
C SER B 144 -9.83 9.03 6.44
N GLY B 145 -10.82 9.64 5.81
CA GLY B 145 -11.82 10.40 6.54
C GLY B 145 -11.40 11.82 6.87
N LYS B 146 -10.26 12.28 6.33
CA LYS B 146 -9.85 13.68 6.59
C LYS B 146 -10.46 14.73 5.60
N GLN B 147 -10.51 16.01 6.00
CA GLN B 147 -11.07 17.09 5.14
C GLN B 147 -10.06 17.71 4.11
N ALA B 148 -8.78 17.74 4.48
CA ALA B 148 -7.73 18.33 3.68
C ALA B 148 -6.54 17.33 3.60
N LEU B 149 -5.78 17.45 2.52
CA LEU B 149 -4.44 16.90 2.33
C LEU B 149 -3.54 18.08 2.69
N GLY B 150 -2.59 17.92 3.59
CA GLY B 150 -1.71 19.04 3.96
C GLY B 150 -0.23 18.75 3.77
N LEU B 151 0.56 19.83 3.79
CA LEU B 151 2.00 19.73 3.56
C LEU B 151 2.70 21.00 4.03
N ASN B 152 4.03 20.96 4.10
CA ASN B 152 4.80 22.14 4.39
C ASN B 152 5.79 22.31 3.24
N VAL B 153 5.87 23.54 2.70
CA VAL B 153 6.89 23.90 1.71
C VAL B 153 7.84 24.93 2.29
N ASP B 154 9.12 24.69 2.23
CA ASP B 154 10.09 25.75 2.52
C ASP B 154 9.90 27.07 1.72
N PHE B 155 9.94 28.22 2.42
CA PHE B 155 10.00 29.57 1.80
C PHE B 155 10.97 29.74 0.63
N ASP B 156 12.08 29.01 0.71
CA ASP B 156 13.12 28.96 -0.32
C ASP B 156 12.84 27.99 -1.44
N ASN B 157 11.60 27.51 -1.54
CA ASN B 157 11.23 26.59 -2.61
C ASN B 157 9.92 27.07 -3.30
N PRO B 158 9.97 28.29 -3.92
CA PRO B 158 8.76 28.86 -4.55
C PRO B 158 8.31 28.00 -5.71
N GLY B 159 9.23 27.27 -6.31
CA GLY B 159 8.90 26.40 -7.42
C GLY B 159 8.00 25.22 -7.02
N ALA B 160 8.33 24.55 -5.90
CA ALA B 160 7.54 23.45 -5.37
C ALA B 160 6.20 24.03 -4.93
N ARG B 161 6.24 25.21 -4.30
CA ARG B 161 5.02 25.88 -3.90
C ARG B 161 4.03 26.21 -5.07
N LYS B 162 4.62 26.64 -6.18
CA LYS B 162 3.87 26.87 -7.40
C LYS B 162 3.30 25.54 -7.87
N LEU B 163 4.12 24.51 -7.92
CA LEU B 163 3.65 23.16 -8.26
C LEU B 163 2.40 22.78 -7.42
N TYR B 164 2.48 22.91 -6.09
CA TYR B 164 1.38 22.62 -5.17
C TYR B 164 0.18 23.49 -5.43
N ALA B 165 0.35 24.81 -5.57
CA ALA B 165 -0.74 25.70 -5.96
C ALA B 165 -1.47 25.31 -7.23
N SER B 166 -0.76 24.76 -8.22
CA SER B 166 -1.39 24.29 -9.47
C SER B 166 -2.17 22.97 -9.25
N LYS B 167 -1.96 22.29 -8.12
CA LYS B 167 -2.72 21.06 -7.86
C LYS B 167 -3.92 21.45 -6.99
N GLY B 168 -4.05 22.73 -6.64
CA GLY B 168 -5.16 23.21 -5.80
C GLY B 168 -4.86 23.42 -4.32
N PHE B 169 -3.57 23.45 -3.95
CA PHE B 169 -3.11 23.73 -2.58
C PHE B 169 -3.14 25.25 -2.32
N LYS B 170 -3.55 25.64 -1.11
CA LYS B 170 -3.69 27.03 -0.72
C LYS B 170 -2.96 27.16 0.57
N ASP B 171 -2.30 28.28 0.74
CA ASP B 171 -1.67 28.67 1.98
C ASP B 171 -2.64 28.72 3.13
N VAL B 172 -2.16 28.22 4.27
CA VAL B 172 -2.95 28.19 5.49
C VAL B 172 -2.20 28.83 6.66
N THR B 173 -0.95 28.48 6.93
CA THR B 173 -0.16 29.22 7.94
C THR B 173 1.29 29.09 7.60
N THR B 174 2.11 29.57 8.54
CA THR B 174 3.56 29.54 8.50
C THR B 174 4.00 28.82 9.75
N MET B 175 5.07 28.06 9.67
CA MET B 175 5.67 27.32 10.78
C MET B 175 7.17 27.60 10.74
N THR B 176 7.92 27.27 11.79
CA THR B 176 9.40 27.32 11.73
C THR B 176 9.89 25.94 12.15
N ILE B 177 10.54 25.24 11.23
CA ILE B 177 10.88 23.85 11.45
C ILE B 177 12.39 23.71 11.59
N SER B 178 12.84 23.67 12.87
CA SER B 178 14.26 23.74 13.25
C SER B 178 15.07 24.78 12.43
N GLY B 179 14.69 26.05 12.50
CA GLY B 179 15.50 27.07 11.86
C GLY B 179 14.95 27.69 10.60
N HIS B 180 14.31 26.89 9.75
CA HIS B 180 13.72 27.39 8.48
C HIS B 180 12.19 27.67 8.56
N LEU B 181 11.71 28.68 7.82
CA LEU B 181 10.26 29.00 7.71
C LEU B 181 9.60 28.18 6.58
N TYR B 182 8.36 27.74 6.80
CA TYR B 182 7.61 26.93 5.82
C TYR B 182 6.25 27.49 5.63
N ASN B 183 5.70 27.43 4.40
CA ASN B 183 4.25 27.62 4.20
C ASN B 183 3.58 26.26 4.41
N HIS B 184 2.53 26.25 5.23
CA HIS B 184 1.68 25.10 5.42
C HIS B 184 0.51 25.27 4.49
N MET B 185 0.34 24.31 3.55
CA MET B 185 -0.65 24.37 2.51
C MET B 185 -1.64 23.20 2.64
N GLN B 186 -2.91 23.44 2.24
CA GLN B 186 -3.94 22.44 2.28
C GLN B 186 -4.70 22.46 0.98
N LYS B 187 -5.22 21.30 0.65
CA LYS B 187 -6.00 21.14 -0.48
C LYS B 187 -7.24 20.39 0.03
N GLU B 188 -8.40 20.96 -0.28
CA GLU B 188 -9.64 20.35 0.15
C GLU B 188 -9.93 19.10 -0.64
N VAL B 189 -10.15 18.02 0.08
CA VAL B 189 -10.47 16.74 -0.51
C VAL B 189 -11.87 16.27 -0.09
N GLU B 190 -12.35 16.73 1.08
CA GLU B 190 -13.71 16.55 1.62
C GLU B 190 -14.20 15.10 1.77
N SER C 2 22.66 -34.77 -37.50
CA SER C 2 21.63 -33.75 -37.31
C SER C 2 20.83 -34.07 -36.03
N LEU C 3 19.65 -34.66 -36.20
CA LEU C 3 18.75 -35.04 -35.09
C LEU C 3 18.23 -33.91 -34.14
N ILE C 4 17.38 -34.37 -33.26
CA ILE C 4 16.45 -33.59 -32.56
C ILE C 4 16.77 -33.77 -31.09
N ARG C 5 16.86 -32.65 -30.39
CA ARG C 5 17.12 -32.65 -28.93
C ARG C 5 16.28 -31.53 -28.29
N SER C 6 16.10 -31.62 -26.99
CA SER C 6 15.62 -30.50 -26.19
C SER C 6 16.46 -29.21 -26.37
N ALA C 7 15.80 -28.05 -26.40
CA ALA C 7 16.49 -26.75 -26.35
C ALA C 7 17.08 -26.56 -24.94
N THR C 8 18.12 -25.73 -24.84
CA THR C 8 18.67 -25.27 -23.60
C THR C 8 18.74 -23.74 -23.72
N LYS C 9 19.06 -23.06 -22.64
CA LYS C 9 19.05 -21.61 -22.62
C LYS C 9 20.00 -21.00 -23.62
N GLU C 10 21.07 -21.68 -24.03
CA GLU C 10 21.96 -21.10 -25.07
C GLU C 10 21.42 -21.04 -26.49
N ASP C 11 20.33 -21.79 -26.72
CA ASP C 11 19.60 -21.71 -27.97
C ASP C 11 18.71 -20.46 -28.07
N GLY C 12 18.58 -19.71 -26.97
CA GLY C 12 17.86 -18.44 -26.90
C GLY C 12 17.85 -17.48 -28.06
N GLN C 13 19.02 -17.02 -28.46
CA GLN C 13 19.13 -16.08 -29.59
C GLN C 13 18.62 -16.68 -30.89
N ALA C 14 18.88 -17.95 -31.16
CA ALA C 14 18.41 -18.62 -32.37
C ALA C 14 16.93 -18.75 -32.37
N ILE C 15 16.36 -19.22 -31.25
CA ILE C 15 14.90 -19.25 -31.09
C ILE C 15 14.24 -17.85 -31.31
N ALA C 16 14.80 -16.80 -30.71
CA ALA C 16 14.30 -15.45 -30.87
C ALA C 16 14.24 -15.02 -32.34
N ARG C 17 15.28 -15.33 -33.14
CA ARG C 17 15.19 -15.05 -34.61
C ARG C 17 14.13 -15.84 -35.35
N LEU C 18 13.87 -17.10 -34.99
CA LEU C 18 12.80 -17.85 -35.67
C LEU C 18 11.40 -17.34 -35.29
N VAL C 19 11.25 -16.98 -34.02
CA VAL C 19 10.02 -16.54 -33.44
C VAL C 19 9.71 -15.14 -33.99
N LEU C 20 10.71 -14.32 -34.21
CA LEU C 20 10.46 -13.04 -34.81
C LEU C 20 9.80 -13.10 -36.19
N VAL C 21 10.06 -14.15 -36.97
CA VAL C 21 9.42 -14.42 -38.25
C VAL C 21 7.92 -14.67 -38.03
N ILE C 22 7.60 -15.43 -36.98
CA ILE C 22 6.21 -15.64 -36.54
C ILE C 22 5.52 -14.34 -36.18
N LEU C 23 5.99 -13.62 -35.13
CA LEU C 23 5.55 -12.24 -34.91
C LEU C 23 5.92 -11.62 -36.27
N LYS C 24 5.26 -10.56 -36.72
CA LYS C 24 5.56 -10.06 -38.08
C LYS C 24 4.61 -10.61 -39.14
N ASP C 25 4.81 -11.84 -39.58
CA ASP C 25 3.90 -12.51 -40.50
C ASP C 25 2.58 -12.82 -39.77
N MET C 26 2.35 -12.09 -38.68
CA MET C 26 1.18 -12.23 -37.82
C MET C 26 0.81 -10.79 -37.47
N GLU C 27 1.53 -9.87 -38.10
CA GLU C 27 1.42 -8.43 -37.87
C GLU C 27 1.12 -8.15 -36.41
N LEU C 28 2.12 -8.24 -35.56
CA LEU C 28 1.90 -7.95 -34.15
C LEU C 28 2.30 -6.52 -33.85
N PRO C 29 1.33 -5.69 -33.46
CA PRO C 29 1.46 -4.31 -32.96
C PRO C 29 2.71 -3.93 -32.13
N ILE C 30 3.18 -4.79 -31.22
CA ILE C 30 4.37 -4.46 -30.36
C ILE C 30 5.65 -4.14 -31.14
N LEU C 31 5.74 -4.70 -32.35
CA LEU C 31 6.91 -4.59 -33.24
C LEU C 31 7.29 -3.17 -33.72
N GLU C 32 6.32 -2.26 -33.84
CA GLU C 32 6.60 -0.80 -33.85
C GLU C 32 6.63 -0.35 -32.39
N GLU C 33 7.42 0.67 -32.07
CA GLU C 33 7.68 1.08 -30.66
C GLU C 33 8.94 0.41 -30.10
N VAL C 34 9.28 -0.76 -30.65
CA VAL C 34 10.54 -1.45 -30.35
C VAL C 34 11.26 -1.76 -31.66
N SER C 35 12.59 -1.57 -31.71
CA SER C 35 13.38 -1.96 -32.91
C SER C 35 13.55 -3.51 -33.04
N GLU C 36 13.74 -4.00 -34.28
CA GLU C 36 13.92 -5.46 -34.55
C GLU C 36 15.11 -6.07 -33.82
N GLU C 37 16.17 -5.27 -33.62
CA GLU C 37 17.35 -5.71 -32.88
C GLU C 37 17.07 -5.92 -31.39
N GLN C 38 16.41 -4.96 -30.76
CA GLN C 38 16.10 -5.08 -29.33
C GLN C 38 14.90 -6.02 -29.09
N MET C 39 14.02 -6.15 -30.08
CA MET C 39 12.97 -7.15 -30.01
C MET C 39 13.51 -8.60 -29.97
N ILE C 40 14.64 -8.86 -30.66
CA ILE C 40 15.38 -10.14 -30.62
C ILE C 40 15.93 -10.38 -29.25
N ASP C 41 16.54 -9.34 -28.68
CA ASP C 41 17.06 -9.41 -27.31
C ASP C 41 15.99 -9.61 -26.25
N LEU C 42 14.82 -9.01 -26.42
CA LEU C 42 13.72 -9.14 -25.47
C LEU C 42 13.17 -10.54 -25.53
N LEU C 43 12.89 -11.05 -26.73
CA LEU C 43 12.49 -12.44 -26.92
C LEU C 43 13.57 -13.46 -26.51
N ALA C 44 14.83 -13.22 -26.84
CA ALA C 44 15.92 -14.13 -26.36
C ALA C 44 15.90 -14.24 -24.85
N GLU C 45 15.77 -13.11 -24.14
CA GLU C 45 15.70 -13.13 -22.69
C GLU C 45 14.45 -13.88 -22.13
N ALA C 46 13.30 -13.74 -22.79
CA ALA C 46 12.10 -14.39 -22.34
C ALA C 46 12.22 -15.91 -22.50
N THR C 47 13.06 -16.37 -23.44
CA THR C 47 13.23 -17.85 -23.65
C THR C 47 13.86 -18.58 -22.48
N ALA C 48 14.57 -17.83 -21.63
CA ALA C 48 15.24 -18.33 -20.43
C ALA C 48 14.24 -18.73 -19.36
N TYR C 49 13.00 -18.22 -19.45
CA TYR C 49 11.90 -18.61 -18.54
C TYR C 49 11.20 -19.89 -19.00
N PRO C 50 11.33 -20.97 -18.24
CA PRO C 50 10.87 -22.25 -18.77
C PRO C 50 9.37 -22.32 -19.07
N THR C 51 8.56 -21.41 -18.47
CA THR C 51 7.11 -21.39 -18.66
C THR C 51 6.70 -20.50 -19.84
N TYR C 52 7.63 -19.73 -20.38
CA TYR C 52 7.32 -18.87 -21.51
C TYR C 52 6.80 -19.71 -22.71
N ARG C 53 5.89 -19.13 -23.51
CA ARG C 53 5.43 -19.70 -24.79
C ARG C 53 6.62 -20.32 -25.60
N TYR C 54 7.67 -19.52 -25.82
CA TYR C 54 8.86 -19.99 -26.43
C TYR C 54 10.00 -20.19 -25.41
N GLY C 55 9.63 -20.64 -24.21
CA GLY C 55 10.67 -20.99 -23.24
C GLY C 55 11.43 -22.22 -23.69
N TYR C 56 12.73 -22.30 -23.36
CA TYR C 56 13.59 -23.41 -23.84
C TYR C 56 12.94 -24.75 -23.53
N GLN C 57 12.35 -24.87 -22.36
CA GLN C 57 11.77 -26.12 -21.85
C GLN C 57 10.52 -26.62 -22.64
N ARG C 58 9.92 -25.78 -23.47
CA ARG C 58 8.79 -26.21 -24.28
C ARG C 58 9.16 -26.51 -25.76
N ILE C 59 10.47 -26.44 -26.07
CA ILE C 59 10.99 -26.41 -27.38
C ILE C 59 11.86 -27.66 -27.72
N LEU C 60 11.57 -28.26 -28.86
CA LEU C 60 12.43 -29.26 -29.43
C LEU C 60 13.24 -28.60 -30.55
N VAL C 61 14.55 -28.91 -30.61
CA VAL C 61 15.47 -28.34 -31.62
C VAL C 61 15.92 -29.41 -32.63
N TYR C 62 15.76 -29.12 -33.90
CA TYR C 62 16.46 -29.89 -34.94
C TYR C 62 17.81 -29.29 -35.19
N GLU C 63 18.85 -30.06 -34.95
CA GLU C 63 20.19 -29.45 -34.99
C GLU C 63 20.92 -29.92 -36.27
N HIS C 64 21.51 -28.99 -36.99
CA HIS C 64 22.24 -29.31 -38.19
C HIS C 64 23.40 -28.38 -38.30
N ALA C 65 24.59 -28.94 -38.58
CA ALA C 65 25.77 -28.15 -38.86
C ALA C 65 26.05 -27.16 -37.69
N GLY C 66 25.81 -27.61 -36.46
CA GLY C 66 26.11 -26.80 -35.28
C GLY C 66 25.01 -25.77 -34.94
N GLU C 67 23.97 -25.73 -35.77
CA GLU C 67 22.96 -24.68 -35.73
C GLU C 67 21.57 -25.18 -35.40
N VAL C 68 20.77 -24.29 -34.83
CA VAL C 68 19.35 -24.55 -34.60
C VAL C 68 18.68 -24.40 -35.99
N ALA C 69 18.43 -25.53 -36.62
CA ALA C 69 17.95 -25.50 -38.01
C ALA C 69 16.43 -25.37 -38.03
N GLY C 70 15.76 -25.80 -36.99
CA GLY C 70 14.35 -25.58 -36.82
C GLY C 70 13.93 -25.89 -35.38
N ILE C 71 12.67 -25.56 -35.01
CA ILE C 71 12.14 -25.79 -33.66
C ILE C 71 10.71 -26.23 -33.72
N ALA C 72 10.29 -27.03 -32.76
CA ALA C 72 8.89 -27.33 -32.57
C ALA C 72 8.56 -26.91 -31.11
N VAL C 73 7.61 -25.96 -31.00
CA VAL C 73 7.11 -25.38 -29.77
C VAL C 73 5.68 -25.77 -29.43
N GLY C 74 5.44 -26.15 -28.18
CA GLY C 74 4.08 -26.49 -27.78
C GLY C 74 3.94 -26.59 -26.26
N TYR C 75 2.71 -26.90 -25.83
CA TYR C 75 2.40 -26.88 -24.39
C TYR C 75 1.04 -27.54 -24.16
N PRO C 76 0.86 -28.09 -22.94
CA PRO C 76 -0.48 -28.56 -22.49
C PRO C 76 -1.41 -27.40 -22.67
N ALA C 77 -2.58 -27.66 -23.23
CA ALA C 77 -3.58 -26.64 -23.47
C ALA C 77 -3.92 -25.76 -22.23
N GLU C 78 -3.81 -26.35 -21.02
CA GLU C 78 -4.15 -25.65 -19.77
C GLU C 78 -3.14 -24.60 -19.43
N ASP C 79 -1.99 -24.62 -20.10
CA ASP C 79 -0.95 -23.64 -19.84
C ASP C 79 -1.18 -22.30 -20.53
N GLU C 80 -2.19 -22.22 -21.37
CA GLU C 80 -2.39 -21.07 -22.26
C GLU C 80 -2.53 -19.65 -21.65
N LYS C 81 -3.05 -19.54 -20.42
CA LYS C 81 -3.08 -18.25 -19.71
C LYS C 81 -1.74 -17.92 -19.01
N ILE C 82 -0.80 -18.84 -19.00
CA ILE C 82 0.42 -18.66 -18.23
C ILE C 82 1.60 -18.30 -19.15
N ILE C 83 1.47 -18.65 -20.43
CA ILE C 83 2.64 -18.61 -21.38
C ILE C 83 3.19 -17.25 -21.81
N ASP C 84 2.37 -16.22 -21.85
CA ASP C 84 2.88 -14.90 -22.32
C ASP C 84 3.42 -13.98 -21.22
N GLU C 85 3.13 -14.36 -19.99
CA GLU C 85 3.52 -13.61 -18.83
C GLU C 85 5.02 -13.33 -18.77
N PRO C 86 5.91 -14.34 -19.04
CA PRO C 86 7.34 -13.99 -18.99
C PRO C 86 7.79 -12.86 -19.93
N LEU C 87 7.21 -12.72 -21.13
CA LEU C 87 7.54 -11.55 -21.96
C LEU C 87 7.07 -10.21 -21.32
N ARG C 88 5.95 -10.24 -20.59
CA ARG C 88 5.40 -9.02 -19.96
C ARG C 88 6.48 -8.57 -18.99
N GLU C 89 7.02 -9.53 -18.24
CA GLU C 89 8.06 -9.26 -17.25
C GLU C 89 9.36 -8.73 -17.78
N VAL C 90 9.85 -9.31 -18.88
CA VAL C 90 11.02 -8.79 -19.59
C VAL C 90 10.78 -7.35 -20.14
N PHE C 91 9.63 -7.08 -20.74
CA PHE C 91 9.28 -5.71 -21.14
C PHE C 91 9.39 -4.68 -19.99
N LYS C 92 8.86 -5.06 -18.82
CA LYS C 92 8.89 -4.26 -17.61
C LYS C 92 10.30 -4.00 -17.07
N LYS C 93 11.11 -5.06 -16.91
CA LYS C 93 12.52 -4.95 -16.57
C LYS C 93 13.30 -3.95 -17.46
N HIS C 94 12.94 -3.86 -18.72
CA HIS C 94 13.58 -2.92 -19.64
C HIS C 94 12.95 -1.55 -19.76
N GLY C 95 11.93 -1.30 -18.96
CA GLY C 95 11.25 -0.03 -18.90
C GLY C 95 10.38 0.27 -20.09
N LEU C 96 9.92 -0.75 -20.80
CA LEU C 96 9.00 -0.51 -21.89
C LEU C 96 7.56 -0.65 -21.36
N ALA C 97 6.60 -0.80 -22.27
CA ALA C 97 5.16 -0.93 -21.90
C ALA C 97 4.84 -1.78 -20.69
N GLU C 98 4.16 -1.17 -19.71
CA GLU C 98 3.56 -1.97 -18.60
C GLU C 98 2.41 -2.83 -19.12
N ASP C 99 1.58 -2.27 -19.99
CA ASP C 99 0.34 -2.94 -20.37
C ASP C 99 0.35 -3.28 -21.86
N VAL C 100 1.20 -4.26 -22.23
CA VAL C 100 1.49 -4.62 -23.64
C VAL C 100 0.40 -5.53 -24.16
N ARG C 101 -0.19 -5.16 -25.30
CA ARG C 101 -1.14 -6.04 -26.01
C ARG C 101 -0.43 -7.19 -26.71
N LEU C 102 -0.79 -8.39 -26.27
CA LEU C 102 -0.36 -9.66 -26.86
C LEU C 102 -1.56 -10.47 -27.36
N PHE C 103 -1.30 -11.42 -28.27
CA PHE C 103 -2.35 -12.15 -28.99
C PHE C 103 -3.25 -12.87 -28.01
N ILE C 104 -4.50 -12.43 -27.91
CA ILE C 104 -5.48 -13.02 -26.99
C ILE C 104 -6.53 -13.81 -27.76
N GLU C 105 -6.08 -14.80 -28.54
CA GLU C 105 -7.02 -15.61 -29.31
C GLU C 105 -6.92 -17.08 -28.90
N GLU C 106 -8.07 -17.73 -28.70
CA GLU C 106 -8.14 -19.15 -28.28
C GLU C 106 -7.93 -20.06 -29.48
N GLU C 107 -7.01 -21.01 -29.37
CA GLU C 107 -6.68 -21.83 -30.52
C GLU C 107 -6.62 -23.28 -30.15
N THR C 108 -7.00 -23.54 -28.91
CA THR C 108 -6.81 -24.79 -28.23
C THR C 108 -8.11 -25.54 -27.92
N LEU C 109 -8.02 -26.85 -27.74
CA LEU C 109 -9.04 -27.68 -27.13
C LEU C 109 -8.50 -28.25 -25.81
N PRO C 110 -9.37 -28.42 -24.79
CA PRO C 110 -8.98 -28.92 -23.43
C PRO C 110 -8.07 -30.16 -23.33
N ASN C 111 -8.23 -31.13 -24.21
CA ASN C 111 -7.61 -32.46 -23.99
C ASN C 111 -6.19 -32.69 -24.61
N GLU C 112 -5.52 -31.63 -25.07
CA GLU C 112 -4.39 -31.79 -25.98
C GLU C 112 -3.13 -31.08 -25.52
N TRP C 113 -1.98 -31.68 -25.82
CA TRP C 113 -0.76 -30.89 -25.92
C TRP C 113 -0.87 -30.21 -27.27
N TYR C 114 -0.84 -28.88 -27.26
CA TYR C 114 -1.01 -28.10 -28.46
C TYR C 114 0.31 -27.77 -29.15
N LEU C 115 0.42 -28.06 -30.45
CA LEU C 115 1.51 -27.58 -31.29
C LEU C 115 1.31 -26.14 -31.69
N ASP C 116 2.01 -25.25 -31.01
CA ASP C 116 2.03 -23.83 -31.33
C ASP C 116 2.64 -23.56 -32.73
N THR C 117 3.87 -24.03 -32.96
CA THR C 117 4.59 -23.80 -34.20
C THR C 117 5.71 -24.78 -34.48
N ILE C 118 5.92 -25.06 -35.77
CA ILE C 118 7.14 -25.69 -36.29
C ILE C 118 7.69 -24.65 -37.24
N SER C 119 8.85 -24.08 -36.92
CA SER C 119 9.53 -23.16 -37.77
C SER C 119 10.88 -23.73 -38.17
N VAL C 120 11.21 -23.59 -39.44
CA VAL C 120 12.44 -24.11 -40.00
C VAL C 120 13.18 -22.88 -40.49
N ASP C 121 14.47 -22.81 -40.19
CA ASP C 121 15.34 -21.74 -40.65
C ASP C 121 15.41 -21.74 -42.19
N GLU C 122 15.34 -20.55 -42.77
CA GLU C 122 15.30 -20.36 -44.22
C GLU C 122 16.49 -20.97 -44.97
N ARG C 123 17.63 -20.99 -44.30
CA ARG C 123 18.80 -21.68 -44.82
C ARG C 123 18.74 -23.23 -44.85
N PHE C 124 17.77 -23.84 -44.19
CA PHE C 124 17.70 -25.29 -44.06
C PHE C 124 16.41 -25.91 -44.56
N ARG C 125 15.74 -25.26 -45.52
CA ARG C 125 14.51 -25.83 -46.16
C ARG C 125 14.84 -26.92 -47.14
N GLY C 126 13.87 -27.79 -47.44
CA GLY C 126 14.09 -28.90 -48.34
C GLY C 126 14.81 -30.11 -47.73
N MET C 127 14.97 -30.15 -46.40
CA MET C 127 15.69 -31.23 -45.70
C MET C 127 14.76 -32.13 -44.90
N GLY C 128 13.45 -31.90 -44.96
CA GLY C 128 12.51 -32.74 -44.22
C GLY C 128 12.40 -32.41 -42.75
N ILE C 129 12.97 -31.27 -42.34
CA ILE C 129 13.09 -30.90 -40.91
C ILE C 129 11.71 -30.86 -40.24
N GLY C 130 10.77 -30.16 -40.89
CA GLY C 130 9.43 -29.92 -40.34
C GLY C 130 8.69 -31.21 -40.08
N SER C 131 8.84 -32.11 -41.01
CA SER C 131 8.18 -33.36 -40.89
C SER C 131 8.81 -34.23 -39.81
N LYS C 132 10.15 -34.24 -39.73
CA LYS C 132 10.85 -34.91 -38.65
C LYS C 132 10.53 -34.39 -37.25
N LEU C 133 10.53 -33.08 -37.07
CA LEU C 133 10.09 -32.45 -35.84
C LEU C 133 8.66 -32.89 -35.46
N LEU C 134 7.76 -32.97 -36.44
CA LEU C 134 6.41 -33.47 -36.14
C LEU C 134 6.41 -34.90 -35.54
N ASP C 135 7.28 -35.75 -36.06
CA ASP C 135 7.37 -37.13 -35.60
C ASP C 135 7.88 -37.24 -34.16
N ALA C 136 8.62 -36.22 -33.66
CA ALA C 136 9.20 -36.29 -32.32
C ALA C 136 8.20 -35.86 -31.25
N LEU C 137 7.04 -35.38 -31.67
CA LEU C 137 6.09 -34.72 -30.77
C LEU C 137 5.17 -35.65 -30.02
N PRO C 138 4.70 -36.77 -30.66
CA PRO C 138 3.83 -37.65 -29.89
C PRO C 138 4.36 -38.09 -28.50
N GLU C 139 5.66 -38.37 -28.37
CA GLU C 139 6.17 -38.82 -27.09
C GLU C 139 6.22 -37.65 -26.10
N VAL C 140 6.44 -36.43 -26.63
CA VAL C 140 6.36 -35.21 -25.84
C VAL C 140 4.95 -34.98 -25.28
N ALA C 141 3.93 -35.10 -26.13
CA ALA C 141 2.54 -34.95 -25.72
C ALA C 141 2.21 -35.95 -24.62
N LYS C 142 2.62 -37.19 -24.84
CA LYS C 142 2.33 -38.29 -23.97
C LYS C 142 3.04 -38.13 -22.64
N ALA C 143 4.32 -37.77 -22.65
CA ALA C 143 5.10 -37.54 -21.43
C ALA C 143 4.44 -36.45 -20.54
N SER C 144 3.57 -35.63 -21.13
CA SER C 144 2.94 -34.55 -20.41
C SER C 144 1.58 -35.01 -19.86
N GLY C 145 1.27 -36.30 -20.04
CA GLY C 145 -0.02 -36.83 -19.61
C GLY C 145 -1.20 -36.34 -20.39
N LYS C 146 -1.00 -35.84 -21.60
CA LYS C 146 -2.17 -35.47 -22.40
C LYS C 146 -2.65 -36.67 -23.23
N GLN C 147 -3.93 -36.69 -23.57
CA GLN C 147 -4.42 -37.81 -24.39
C GLN C 147 -4.23 -37.59 -25.89
N ALA C 148 -4.19 -36.32 -26.31
CA ALA C 148 -4.10 -35.94 -27.71
C ALA C 148 -2.93 -34.99 -28.00
N LEU C 149 -2.51 -34.94 -29.26
CA LEU C 149 -1.59 -33.94 -29.76
C LEU C 149 -2.47 -33.14 -30.68
N GLY C 150 -2.49 -31.83 -30.52
CA GLY C 150 -3.40 -31.02 -31.38
C GLY C 150 -2.72 -29.96 -32.19
N LEU C 151 -3.36 -29.49 -33.26
CA LEU C 151 -2.84 -28.41 -34.07
C LEU C 151 -3.91 -27.73 -34.92
N ASN C 152 -3.55 -26.57 -35.51
CA ASN C 152 -4.42 -25.86 -36.43
C ASN C 152 -3.69 -25.73 -37.75
N VAL C 153 -4.37 -26.16 -38.82
CA VAL C 153 -3.87 -26.03 -40.20
C VAL C 153 -4.82 -25.15 -41.00
N ASP C 154 -4.26 -24.23 -41.71
CA ASP C 154 -5.07 -23.37 -42.50
C ASP C 154 -5.87 -24.17 -43.57
N PHE C 155 -7.12 -23.78 -43.79
CA PHE C 155 -7.97 -24.24 -44.91
C PHE C 155 -7.25 -24.18 -46.25
N ASP C 156 -6.46 -23.10 -46.45
CA ASP C 156 -5.71 -22.86 -47.66
C ASP C 156 -4.40 -23.66 -47.70
N ASN C 157 -4.21 -24.56 -46.74
CA ASN C 157 -3.01 -25.38 -46.74
C ASN C 157 -3.30 -26.89 -46.81
N PRO C 158 -3.95 -27.38 -47.91
CA PRO C 158 -4.35 -28.82 -47.98
C PRO C 158 -3.18 -29.83 -48.02
N GLY C 159 -1.99 -29.37 -48.40
CA GLY C 159 -0.84 -30.24 -48.43
C GLY C 159 -0.30 -30.52 -47.05
N ALA C 160 -0.32 -29.50 -46.16
CA ALA C 160 0.08 -29.69 -44.79
C ALA C 160 -0.94 -30.61 -44.16
N ARG C 161 -2.23 -30.28 -44.37
CA ARG C 161 -3.32 -31.14 -43.90
C ARG C 161 -3.17 -32.61 -44.30
N LYS C 162 -2.83 -32.85 -45.58
CA LYS C 162 -2.63 -34.26 -46.02
C LYS C 162 -1.34 -34.89 -45.33
N LEU C 163 -0.26 -34.12 -45.20
CA LEU C 163 0.90 -34.57 -44.42
C LEU C 163 0.43 -35.00 -43.01
N TYR C 164 -0.22 -34.10 -42.29
CA TYR C 164 -0.74 -34.41 -40.94
C TYR C 164 -1.68 -35.57 -40.96
N ALA C 165 -2.65 -35.59 -41.86
CA ALA C 165 -3.49 -36.82 -41.96
C ALA C 165 -2.66 -38.09 -42.11
N SER C 166 -1.58 -38.04 -42.88
CA SER C 166 -0.74 -39.24 -43.09
C SER C 166 -0.10 -39.74 -41.81
N LYS C 167 0.16 -38.84 -40.84
CA LYS C 167 0.83 -39.18 -39.56
C LYS C 167 -0.16 -39.52 -38.44
N GLY C 168 -1.43 -39.75 -38.78
CA GLY C 168 -2.48 -40.06 -37.82
C GLY C 168 -3.39 -38.96 -37.28
N PHE C 169 -3.20 -37.71 -37.69
CA PHE C 169 -4.09 -36.64 -37.25
C PHE C 169 -5.47 -36.72 -37.89
N LYS C 170 -6.55 -36.47 -37.14
CA LYS C 170 -7.91 -36.40 -37.72
C LYS C 170 -8.50 -35.03 -37.51
N ASP C 171 -9.40 -34.59 -38.39
CA ASP C 171 -10.12 -33.32 -38.18
C ASP C 171 -11.02 -33.49 -36.97
N VAL C 172 -11.07 -32.45 -36.14
CA VAL C 172 -11.87 -32.47 -34.89
C VAL C 172 -12.92 -31.35 -34.91
N THR C 173 -12.54 -30.14 -35.32
CA THR C 173 -13.46 -28.98 -35.38
C THR C 173 -12.82 -27.97 -36.29
N THR C 174 -13.40 -26.78 -36.34
CA THR C 174 -12.95 -25.71 -37.24
C THR C 174 -12.80 -24.49 -36.38
N MET C 175 -11.82 -23.64 -36.65
CA MET C 175 -11.65 -22.44 -35.86
C MET C 175 -11.40 -21.24 -36.78
N THR C 176 -11.74 -20.03 -36.33
CA THR C 176 -11.32 -18.79 -37.01
C THR C 176 -10.33 -18.10 -36.10
N ILE C 177 -9.15 -17.81 -36.61
CA ILE C 177 -8.09 -17.26 -35.79
C ILE C 177 -7.47 -16.18 -36.66
N SER C 178 -7.39 -14.97 -36.13
CA SER C 178 -6.88 -13.82 -36.90
C SER C 178 -7.55 -13.67 -38.28
N GLY C 179 -8.85 -13.98 -38.34
CA GLY C 179 -9.62 -13.94 -39.58
C GLY C 179 -9.10 -14.92 -40.62
N HIS C 180 -8.89 -16.16 -40.19
CA HIS C 180 -8.49 -17.24 -41.09
C HIS C 180 -9.21 -18.46 -40.61
N LEU C 181 -9.59 -19.34 -41.53
CA LEU C 181 -10.19 -20.60 -41.13
C LEU C 181 -9.14 -21.69 -40.96
N TYR C 182 -9.38 -22.59 -40.02
CA TYR C 182 -8.40 -23.63 -39.66
C TYR C 182 -9.13 -24.91 -39.37
N ASN C 183 -8.56 -26.01 -39.81
CA ASN C 183 -8.95 -27.31 -39.29
C ASN C 183 -8.15 -27.58 -38.05
N HIS C 184 -8.84 -27.82 -36.94
CA HIS C 184 -8.15 -28.18 -35.72
C HIS C 184 -8.08 -29.66 -35.74
N MET C 185 -6.88 -30.24 -35.78
CA MET C 185 -6.79 -31.69 -35.90
C MET C 185 -6.15 -32.27 -34.65
N GLN C 186 -6.45 -33.53 -34.35
CA GLN C 186 -5.78 -34.15 -33.24
C GLN C 186 -5.32 -35.52 -33.64
N LYS C 187 -4.29 -35.96 -32.94
CA LYS C 187 -3.77 -37.29 -33.03
C LYS C 187 -3.73 -37.87 -31.58
N GLU C 188 -4.29 -39.08 -31.41
CA GLU C 188 -4.32 -39.78 -30.12
C GLU C 188 -2.92 -40.29 -29.78
N VAL C 189 -2.51 -40.08 -28.53
CA VAL C 189 -1.18 -40.50 -28.08
C VAL C 189 -1.19 -41.47 -26.89
N GLU C 190 -2.24 -41.43 -26.06
CA GLU C 190 -2.38 -42.28 -24.84
C GLU C 190 -2.05 -43.75 -25.07
N SER D 2 18.74 9.49 28.27
CA SER D 2 19.54 8.69 29.26
C SER D 2 18.89 8.50 30.66
N LEU D 3 17.56 8.26 30.69
CA LEU D 3 16.80 7.98 31.94
C LEU D 3 16.33 9.19 32.87
N ILE D 4 15.34 8.81 33.65
CA ILE D 4 14.51 9.69 34.43
C ILE D 4 14.92 9.54 35.88
N ARG D 5 15.18 10.67 36.55
CA ARG D 5 15.54 10.74 37.99
C ARG D 5 14.60 11.79 38.61
N SER D 6 14.31 11.68 39.90
CA SER D 6 13.57 12.77 40.49
C SER D 6 14.48 14.00 40.63
N ALA D 7 13.89 15.17 40.51
CA ALA D 7 14.66 16.43 40.59
C ALA D 7 15.30 16.64 41.98
N THR D 8 16.35 17.47 42.01
CA THR D 8 16.93 17.99 43.21
C THR D 8 17.03 19.53 43.14
N LYS D 9 17.43 20.16 44.26
CA LYS D 9 17.49 21.61 44.36
C LYS D 9 18.45 22.19 43.39
N GLU D 10 19.53 21.45 43.07
CA GLU D 10 20.43 21.90 41.98
C GLU D 10 19.87 22.00 40.55
N ASP D 11 18.72 21.38 40.29
CA ASP D 11 18.07 21.53 39.00
C ASP D 11 17.31 22.86 38.83
N GLY D 12 17.30 23.65 39.92
CA GLY D 12 16.61 24.94 40.03
C GLY D 12 16.61 25.90 38.89
N GLN D 13 17.78 26.36 38.44
CA GLN D 13 17.86 27.30 37.29
C GLN D 13 17.34 26.71 35.96
N ALA D 14 17.67 25.44 35.72
CA ALA D 14 17.17 24.64 34.64
C ALA D 14 15.67 24.56 34.60
N ILE D 15 15.03 24.16 35.70
CA ILE D 15 13.53 24.14 35.80
C ILE D 15 12.90 25.53 35.61
N ALA D 16 13.49 26.54 36.26
CA ALA D 16 13.07 27.94 36.11
C ALA D 16 13.13 28.38 34.63
N ARG D 17 14.18 28.03 33.89
CA ARG D 17 14.16 28.29 32.43
C ARG D 17 13.09 27.55 31.63
N LEU D 18 12.74 26.32 31.97
CA LEU D 18 11.68 25.63 31.24
C LEU D 18 10.33 26.22 31.60
N VAL D 19 10.25 26.78 32.80
CA VAL D 19 8.98 27.20 33.34
C VAL D 19 8.69 28.62 32.90
N LEU D 20 9.71 29.42 32.66
CA LEU D 20 9.54 30.74 32.06
C LEU D 20 8.77 30.65 30.76
N VAL D 21 9.04 29.66 29.93
CA VAL D 21 8.23 29.38 28.72
C VAL D 21 6.73 29.19 29.02
N ILE D 22 6.40 28.49 30.12
CA ILE D 22 5.00 28.32 30.60
C ILE D 22 4.30 29.65 30.91
N LEU D 23 4.83 30.40 31.88
CA LEU D 23 4.38 31.77 32.08
C LEU D 23 4.92 32.46 30.81
N LYS D 24 4.84 33.79 30.73
CA LYS D 24 5.13 34.51 29.47
C LYS D 24 4.10 34.06 28.41
N ASP D 25 4.33 32.90 27.78
CA ASP D 25 3.34 32.31 26.86
C ASP D 25 1.96 31.98 27.51
N MET D 26 1.58 32.78 28.53
CA MET D 26 0.28 32.72 29.24
C MET D 26 -0.02 34.07 29.93
N GLU D 27 0.76 35.08 29.57
CA GLU D 27 0.45 36.52 29.79
C GLU D 27 0.27 37.07 31.21
N LEU D 28 1.03 36.60 32.18
CA LEU D 28 0.85 37.09 33.55
C LEU D 28 1.21 38.60 33.65
N PRO D 29 0.40 39.41 34.39
CA PRO D 29 0.64 40.87 34.59
C PRO D 29 1.98 41.22 35.27
N ILE D 30 2.04 42.38 35.95
CA ILE D 30 3.30 42.99 36.48
C ILE D 30 4.37 42.04 37.05
N LEU D 31 3.95 40.84 37.45
CA LEU D 31 4.86 39.74 37.74
C LEU D 31 5.83 39.64 36.56
N GLU D 32 5.27 39.49 35.35
CA GLU D 32 6.06 39.47 34.11
C GLU D 32 6.38 40.87 33.57
N GLU D 33 6.38 41.87 34.46
CA GLU D 33 7.01 43.17 34.22
C GLU D 33 8.16 43.45 35.23
N VAL D 34 8.75 42.35 35.76
CA VAL D 34 10.14 42.34 36.30
C VAL D 34 11.03 41.86 35.16
N SER D 35 12.35 42.01 35.30
CA SER D 35 13.28 41.58 34.26
C SER D 35 13.39 40.04 34.09
N GLU D 36 13.70 39.59 32.87
CA GLU D 36 13.71 38.14 32.59
C GLU D 36 14.74 37.39 33.42
N GLU D 37 15.94 37.97 33.53
CA GLU D 37 16.99 37.42 34.37
C GLU D 37 16.53 37.33 35.82
N GLN D 38 15.78 38.33 36.28
CA GLN D 38 15.23 38.33 37.63
C GLN D 38 14.05 37.36 37.82
N MET D 39 13.17 37.25 36.82
CA MET D 39 12.05 36.27 36.92
C MET D 39 12.53 34.79 36.98
N ILE D 40 13.59 34.46 36.23
CA ILE D 40 14.31 33.19 36.31
C ILE D 40 14.86 32.91 37.72
N ASP D 41 15.53 33.90 38.33
CA ASP D 41 16.03 33.75 39.70
C ASP D 41 14.95 33.62 40.79
N LEU D 42 13.87 34.38 40.66
CA LEU D 42 12.70 34.24 41.52
C LEU D 42 12.16 32.84 41.40
N LEU D 43 11.88 32.40 40.18
CA LEU D 43 11.36 31.02 40.00
C LEU D 43 12.34 29.97 40.56
N ALA D 44 13.64 30.14 40.28
CA ALA D 44 14.70 29.20 40.71
C ALA D 44 14.67 29.02 42.24
N GLU D 45 14.53 30.13 42.97
CA GLU D 45 14.36 30.16 44.41
C GLU D 45 13.08 29.45 44.90
N ALA D 46 11.94 29.71 44.25
CA ALA D 46 10.62 29.03 44.58
C ALA D 46 10.72 27.51 44.48
N THR D 47 11.58 27.10 43.55
CA THR D 47 11.86 25.70 43.20
C THR D 47 12.41 24.88 44.39
N ALA D 48 13.12 25.56 45.29
CA ALA D 48 13.68 24.91 46.46
C ALA D 48 12.65 24.57 47.53
N TYR D 49 11.47 25.19 47.45
CA TYR D 49 10.35 24.81 48.31
C TYR D 49 9.69 23.56 47.75
N PRO D 50 9.71 22.46 48.51
CA PRO D 50 9.16 21.21 47.97
C PRO D 50 7.64 21.20 47.65
N THR D 51 6.87 22.13 48.24
CA THR D 51 5.43 22.20 48.04
C THR D 51 5.05 23.16 46.88
N TYR D 52 6.00 23.96 46.38
CA TYR D 52 5.77 24.78 45.21
C TYR D 52 5.27 23.97 44.02
N ARG D 53 4.49 24.63 43.16
CA ARG D 53 4.05 24.05 41.88
C ARG D 53 5.21 23.37 41.10
N TYR D 54 6.33 24.07 40.98
CA TYR D 54 7.52 23.57 40.31
C TYR D 54 8.67 23.32 41.34
N GLY D 55 8.29 22.81 42.51
CA GLY D 55 9.25 22.54 43.50
C GLY D 55 9.94 21.27 43.10
N TYR D 56 11.23 21.21 43.42
CA TYR D 56 12.02 20.00 43.12
C TYR D 56 11.21 18.71 43.39
N GLN D 57 10.57 18.58 44.54
CA GLN D 57 9.94 17.30 44.93
C GLN D 57 8.68 16.91 44.09
N ARG D 58 8.19 17.81 43.24
CA ARG D 58 7.04 17.47 42.39
C ARG D 58 7.46 17.11 40.95
N ILE D 59 8.79 17.13 40.68
CA ILE D 59 9.37 17.08 39.35
C ILE D 59 10.21 15.82 39.02
N LEU D 60 9.96 15.23 37.85
CA LEU D 60 10.78 14.13 37.33
C LEU D 60 11.64 14.73 36.26
N VAL D 61 12.93 14.39 36.28
CA VAL D 61 13.84 14.98 35.32
C VAL D 61 14.28 13.90 34.30
N TYR D 62 14.32 14.27 33.02
CA TYR D 62 14.90 13.43 32.00
C TYR D 62 16.31 13.95 31.79
N GLU D 63 17.32 13.19 32.19
CA GLU D 63 18.68 13.71 32.08
C GLU D 63 19.34 13.25 30.76
N HIS D 64 20.02 14.13 30.06
CA HIS D 64 20.73 13.83 28.84
C HIS D 64 21.91 14.75 28.73
N ALA D 65 23.10 14.17 28.50
CA ALA D 65 24.34 14.93 28.28
C ALA D 65 24.67 15.82 29.47
N GLY D 66 24.36 15.37 30.69
CA GLY D 66 24.63 16.17 31.87
C GLY D 66 23.56 17.25 32.17
N GLU D 67 22.52 17.33 31.35
CA GLU D 67 21.57 18.46 31.34
C GLU D 67 20.25 17.95 31.78
N VAL D 68 19.42 18.82 32.35
CA VAL D 68 17.98 18.59 32.54
C VAL D 68 17.33 18.77 31.14
N ALA D 69 16.98 17.67 30.48
CA ALA D 69 16.60 17.73 29.04
C ALA D 69 15.08 17.92 28.92
N GLY D 70 14.37 17.48 29.94
CA GLY D 70 12.95 17.69 30.06
C GLY D 70 12.52 17.47 31.51
N ILE D 71 11.33 17.96 31.87
CA ILE D 71 10.71 17.69 33.19
C ILE D 71 9.21 17.30 33.05
N ALA D 72 8.71 16.50 33.98
CA ALA D 72 7.33 16.22 34.08
C ALA D 72 6.93 16.70 35.53
N VAL D 73 6.03 17.68 35.61
CA VAL D 73 5.60 18.29 36.87
C VAL D 73 4.16 17.93 37.19
N GLY D 74 3.88 17.64 38.44
CA GLY D 74 2.51 17.24 38.81
C GLY D 74 2.35 17.13 40.32
N TYR D 75 1.11 16.80 40.74
CA TYR D 75 0.71 16.86 42.13
C TYR D 75 -0.66 16.26 42.34
N PRO D 76 -0.90 15.70 43.55
CA PRO D 76 -2.27 15.25 43.97
C PRO D 76 -3.22 16.45 43.89
N ALA D 77 -4.39 16.24 43.29
CA ALA D 77 -5.28 17.37 43.00
C ALA D 77 -5.68 18.20 44.27
N GLU D 78 -5.65 17.58 45.47
CA GLU D 78 -5.97 18.29 46.75
C GLU D 78 -4.97 19.37 47.12
N ASP D 79 -3.79 19.32 46.49
CA ASP D 79 -2.69 20.27 46.68
C ASP D 79 -2.83 21.61 45.89
N GLU D 80 -3.82 21.70 45.00
CA GLU D 80 -4.02 22.84 44.11
C GLU D 80 -4.02 24.20 44.82
N LYS D 81 -4.60 24.28 46.03
CA LYS D 81 -4.71 25.58 46.75
C LYS D 81 -3.44 26.07 47.45
N ILE D 82 -2.41 25.23 47.60
CA ILE D 82 -1.17 25.64 48.23
C ILE D 82 0.08 25.75 47.34
N ILE D 83 -0.03 25.38 46.06
CA ILE D 83 1.18 25.24 45.17
C ILE D 83 1.81 26.56 44.79
N ASP D 84 1.01 27.63 44.83
CA ASP D 84 1.58 28.93 44.44
C ASP D 84 2.15 29.80 45.56
N GLU D 85 1.87 29.42 46.80
CA GLU D 85 2.31 30.18 47.96
C GLU D 85 3.81 30.35 48.06
N PRO D 86 4.62 29.29 47.79
CA PRO D 86 6.09 29.56 47.82
C PRO D 86 6.53 30.67 46.83
N LEU D 87 5.88 30.82 45.68
CA LEU D 87 6.27 31.92 44.84
C LEU D 87 5.95 33.27 45.54
N ARG D 88 4.82 33.33 46.25
CA ARG D 88 4.47 34.57 46.99
C ARG D 88 5.47 34.92 48.11
N GLU D 89 5.94 33.92 48.87
CA GLU D 89 7.04 34.08 49.83
C GLU D 89 8.28 34.67 49.19
N VAL D 90 8.85 34.05 48.16
CA VAL D 90 9.93 34.66 47.30
C VAL D 90 9.23 35.88 46.73
N PHE D 91 9.82 36.98 46.36
CA PHE D 91 8.90 38.11 45.91
C PHE D 91 8.71 39.00 47.11
N LYS D 92 8.01 38.48 48.11
CA LYS D 92 7.96 39.10 49.41
C LYS D 92 9.40 39.30 49.83
N LYS D 93 10.13 38.21 50.08
CA LYS D 93 11.57 38.29 50.33
C LYS D 93 12.31 39.29 49.41
N HIS D 94 11.85 39.52 48.18
CA HIS D 94 12.59 40.40 47.26
C HIS D 94 11.95 41.78 47.15
N GLY D 95 11.02 42.06 48.07
CA GLY D 95 10.24 43.30 48.06
C GLY D 95 9.29 43.50 46.89
N LEU D 96 8.83 42.42 46.26
CA LEU D 96 7.85 42.53 45.16
C LEU D 96 6.40 42.64 45.70
N ALA D 97 5.36 42.28 44.95
CA ALA D 97 4.01 42.43 45.51
C ALA D 97 3.56 41.46 46.63
N GLU D 98 3.75 40.14 46.47
CA GLU D 98 3.14 39.12 47.38
C GLU D 98 1.70 38.75 46.95
N ASP D 99 0.84 39.76 46.78
CA ASP D 99 -0.53 39.56 46.33
C ASP D 99 -0.72 39.91 44.81
N VAL D 100 0.25 39.45 44.01
CA VAL D 100 0.16 39.30 42.56
C VAL D 100 -0.96 38.34 42.12
N ARG D 101 -1.67 38.66 41.04
CA ARG D 101 -2.72 37.78 40.53
C ARG D 101 -2.06 36.60 39.82
N LEU D 102 -2.32 35.36 40.24
CA LEU D 102 -1.63 34.22 39.66
C LEU D 102 -2.75 33.40 39.15
N PHE D 103 -2.44 32.31 38.44
CA PHE D 103 -3.44 31.53 37.70
C PHE D 103 -4.37 30.82 38.68
N ILE D 104 -5.68 30.88 38.51
CA ILE D 104 -6.56 30.16 39.45
C ILE D 104 -7.75 29.42 38.83
N GLU D 105 -7.72 29.19 37.53
CA GLU D 105 -8.71 28.32 36.92
C GLU D 105 -8.62 26.84 37.34
N GLU D 106 -9.80 26.22 37.39
CA GLU D 106 -9.97 24.82 37.81
C GLU D 106 -9.49 23.88 36.70
N GLU D 107 -8.51 23.02 36.97
CA GLU D 107 -8.03 22.12 35.88
C GLU D 107 -7.99 20.62 36.18
N THR D 108 -8.52 20.27 37.34
CA THR D 108 -8.26 19.03 38.06
C THR D 108 -9.57 18.33 38.47
N LEU D 109 -9.54 17.02 38.67
CA LEU D 109 -10.64 16.25 39.22
C LEU D 109 -10.16 15.66 40.55
N PRO D 110 -11.06 15.49 41.55
CA PRO D 110 -10.58 15.18 42.93
C PRO D 110 -9.75 13.89 43.15
N ASN D 111 -9.99 12.86 42.34
CA ASN D 111 -9.41 11.56 42.52
C ASN D 111 -8.03 11.33 41.85
N GLU D 112 -7.43 12.38 41.31
CA GLU D 112 -6.28 12.14 40.47
C GLU D 112 -4.95 12.72 41.02
N TRP D 113 -3.85 12.13 40.64
CA TRP D 113 -2.59 12.84 40.62
C TRP D 113 -2.62 13.58 39.29
N TYR D 114 -2.50 14.91 39.31
CA TYR D 114 -2.62 15.73 38.12
C TYR D 114 -1.30 16.12 37.50
N LEU D 115 -1.18 15.84 36.19
CA LEU D 115 -0.04 16.27 35.37
C LEU D 115 -0.18 17.72 34.91
N ASP D 116 0.58 18.57 35.57
CA ASP D 116 0.57 19.98 35.31
C ASP D 116 1.23 20.30 33.90
N THR D 117 2.44 19.77 33.67
CA THR D 117 3.14 20.01 32.45
C THR D 117 4.26 19.00 32.18
N ILE D 118 4.43 18.67 30.90
CA ILE D 118 5.69 18.02 30.48
C ILE D 118 6.43 18.98 29.57
N SER D 119 7.58 19.49 29.95
CA SER D 119 8.30 20.40 29.09
C SER D 119 9.66 19.84 28.71
N VAL D 120 10.00 19.96 27.42
CA VAL D 120 11.23 19.41 26.89
C VAL D 120 12.06 20.57 26.49
N ASP D 121 13.33 20.56 26.85
CA ASP D 121 14.24 21.59 26.37
C ASP D 121 14.30 21.57 24.83
N GLU D 122 14.42 22.74 24.25
CA GLU D 122 14.46 22.92 22.77
C GLU D 122 15.67 22.30 22.06
N ARG D 123 16.79 22.17 22.77
CA ARG D 123 17.93 21.44 22.23
C ARG D 123 17.74 19.90 22.24
N PHE D 124 16.60 19.38 22.73
CA PHE D 124 16.46 17.91 22.98
C PHE D 124 15.13 17.39 22.51
N ARG D 125 14.54 18.07 21.54
CA ARG D 125 13.29 17.64 20.89
C ARG D 125 13.59 16.50 19.95
N GLY D 126 12.58 15.69 19.62
CA GLY D 126 12.80 14.60 18.68
C GLY D 126 13.53 13.37 19.21
N MET D 127 13.67 13.29 20.55
CA MET D 127 14.34 12.18 21.23
C MET D 127 13.30 11.31 22.00
N GLY D 128 12.00 11.65 21.92
CA GLY D 128 11.02 10.82 22.64
C GLY D 128 10.94 11.07 24.15
N ILE D 129 11.55 12.17 24.61
CA ILE D 129 11.59 12.52 26.02
C ILE D 129 10.20 12.67 26.63
N GLY D 130 9.33 13.45 25.98
CA GLY D 130 7.97 13.71 26.50
C GLY D 130 7.25 12.42 26.76
N SER D 131 7.33 11.49 25.83
CA SER D 131 6.64 10.23 26.03
C SER D 131 7.28 9.26 27.09
N LYS D 132 8.60 9.27 27.23
CA LYS D 132 9.26 8.50 28.24
C LYS D 132 8.93 9.04 29.62
N LEU D 133 8.92 10.37 29.77
CA LEU D 133 8.53 11.03 31.03
C LEU D 133 7.11 10.64 31.41
N LEU D 134 6.25 10.58 30.42
CA LEU D 134 4.88 10.21 30.68
C LEU D 134 4.72 8.75 31.18
N ASP D 135 5.57 7.85 30.68
CA ASP D 135 5.57 6.45 31.10
C ASP D 135 6.02 6.27 32.56
N ALA D 136 6.83 7.21 33.08
CA ALA D 136 7.32 7.15 34.46
C ALA D 136 6.26 7.66 35.46
N LEU D 137 5.22 8.33 34.98
CA LEU D 137 4.28 9.00 35.87
C LEU D 137 3.34 8.11 36.63
N PRO D 138 2.85 7.02 36.00
CA PRO D 138 2.03 6.05 36.78
C PRO D 138 2.57 5.57 38.14
N GLU D 139 3.86 5.33 38.29
CA GLU D 139 4.41 4.92 39.59
C GLU D 139 4.34 6.07 40.60
N VAL D 140 4.58 7.30 40.13
CA VAL D 140 4.49 8.49 40.95
C VAL D 140 3.07 8.71 41.48
N ALA D 141 2.06 8.58 40.58
CA ALA D 141 0.67 8.74 40.97
C ALA D 141 0.26 7.67 41.97
N LYS D 142 0.71 6.43 41.71
CA LYS D 142 0.41 5.30 42.58
C LYS D 142 0.96 5.52 43.99
N ALA D 143 2.22 5.98 44.06
CA ALA D 143 2.96 6.20 45.32
C ALA D 143 2.33 7.30 46.15
N SER D 144 1.48 8.13 45.54
CA SER D 144 0.90 9.24 46.29
C SER D 144 -0.48 8.80 46.79
N GLY D 145 -0.86 7.55 46.51
CA GLY D 145 -2.14 7.00 46.94
C GLY D 145 -3.34 7.45 46.12
N LYS D 146 -3.13 8.06 44.94
CA LYS D 146 -4.25 8.48 44.11
C LYS D 146 -4.70 7.35 43.21
N GLN D 147 -6.01 7.36 42.93
CA GLN D 147 -6.70 6.36 42.12
C GLN D 147 -6.32 6.45 40.60
N ALA D 148 -6.04 7.67 40.14
CA ALA D 148 -5.93 8.00 38.75
C ALA D 148 -4.78 8.94 38.51
N LEU D 149 -4.25 8.87 37.29
CA LEU D 149 -3.32 9.86 36.74
C LEU D 149 -4.18 10.70 35.79
N GLY D 150 -4.20 12.02 35.95
CA GLY D 150 -5.08 12.80 35.11
C GLY D 150 -4.34 13.83 34.29
N LEU D 151 -4.97 14.33 33.23
CA LEU D 151 -4.33 15.37 32.45
C LEU D 151 -5.32 16.12 31.61
N ASN D 152 -4.89 17.24 31.06
CA ASN D 152 -5.74 17.99 30.10
C ASN D 152 -4.99 18.10 28.75
N VAL D 153 -5.64 17.65 27.66
CA VAL D 153 -5.11 17.78 26.31
C VAL D 153 -6.02 18.71 25.49
N ASP D 154 -5.44 19.68 24.80
CA ASP D 154 -6.24 20.60 23.99
C ASP D 154 -7.05 19.87 22.90
N PHE D 155 -8.27 20.34 22.62
CA PHE D 155 -9.06 19.86 21.48
C PHE D 155 -8.28 19.91 20.17
N ASP D 156 -7.47 20.94 20.02
CA ASP D 156 -6.68 21.13 18.82
C ASP D 156 -5.33 20.36 18.79
N ASN D 157 -5.14 19.44 19.76
CA ASN D 157 -3.97 18.56 19.80
C ASN D 157 -4.31 17.07 19.76
N PRO D 158 -4.97 16.61 18.68
CA PRO D 158 -5.44 15.21 18.58
C PRO D 158 -4.33 14.20 18.49
N GLY D 159 -3.14 14.66 18.11
CA GLY D 159 -1.99 13.74 18.08
C GLY D 159 -1.53 13.40 19.46
N ALA D 160 -1.45 14.43 20.32
CA ALA D 160 -1.14 14.23 21.74
C ALA D 160 -2.18 13.33 22.42
N ARG D 161 -3.43 13.58 22.11
CA ARG D 161 -4.50 12.76 22.65
C ARG D 161 -4.46 11.28 22.21
N LYS D 162 -4.16 11.04 20.94
CA LYS D 162 -3.95 9.66 20.53
C LYS D 162 -2.76 8.99 21.24
N LEU D 163 -1.66 9.72 21.41
CA LEU D 163 -0.53 9.22 22.21
C LEU D 163 -1.01 8.78 23.61
N TYR D 164 -1.73 9.66 24.30
CA TYR D 164 -2.24 9.38 25.66
C TYR D 164 -3.21 8.25 25.61
N ALA D 165 -4.09 8.20 24.58
CA ALA D 165 -5.05 7.08 24.46
C ALA D 165 -4.31 5.76 24.41
N SER D 166 -3.14 5.75 23.77
CA SER D 166 -2.34 4.52 23.57
C SER D 166 -1.60 4.11 24.84
N LYS D 167 -1.52 5.00 25.82
CA LYS D 167 -0.85 4.66 27.09
C LYS D 167 -1.89 4.27 28.13
N GLY D 168 -3.16 4.36 27.74
CA GLY D 168 -4.25 3.90 28.57
C GLY D 168 -5.08 5.02 29.18
N PHE D 169 -4.86 6.25 28.76
CA PHE D 169 -5.72 7.36 29.21
C PHE D 169 -7.04 7.29 28.50
N LYS D 170 -8.10 7.68 29.19
CA LYS D 170 -9.49 7.67 28.70
C LYS D 170 -10.12 9.00 28.97
N ASP D 171 -10.94 9.45 28.03
CA ASP D 171 -11.74 10.67 28.22
C ASP D 171 -12.67 10.56 29.42
N VAL D 172 -12.69 11.63 30.25
CA VAL D 172 -13.57 11.68 31.43
C VAL D 172 -14.60 12.82 31.32
N THR D 173 -14.13 14.04 31.01
CA THR D 173 -14.91 15.25 30.87
C THR D 173 -14.14 16.24 30.01
N THR D 174 -14.68 17.46 29.89
CA THR D 174 -14.21 18.49 28.99
C THR D 174 -14.09 19.70 29.88
N MET D 175 -13.12 20.56 29.63
CA MET D 175 -12.89 21.69 30.50
C MET D 175 -12.56 22.86 29.61
N THR D 176 -12.93 24.05 30.04
CA THR D 176 -12.54 25.29 29.35
C THR D 176 -11.61 25.98 30.32
N ILE D 177 -10.36 26.19 29.87
CA ILE D 177 -9.33 26.71 30.71
C ILE D 177 -8.65 27.69 29.81
N SER D 178 -8.44 28.91 30.30
CA SER D 178 -7.80 29.97 29.50
C SER D 178 -8.41 30.15 28.11
N GLY D 179 -9.71 29.93 27.98
CA GLY D 179 -10.40 30.08 26.70
C GLY D 179 -10.13 28.99 25.67
N HIS D 180 -9.47 27.89 26.08
CA HIS D 180 -9.31 26.71 25.19
C HIS D 180 -10.10 25.58 25.74
N LEU D 181 -10.51 24.69 24.84
CA LEU D 181 -11.21 23.47 25.23
C LEU D 181 -10.23 22.28 25.43
N TYR D 182 -10.47 21.47 26.43
CA TYR D 182 -9.52 20.39 26.79
C TYR D 182 -10.29 19.12 26.98
N ASN D 183 -9.71 18.00 26.57
CA ASN D 183 -10.18 16.71 27.06
C ASN D 183 -9.42 16.41 28.37
N HIS D 184 -10.17 16.23 29.47
CA HIS D 184 -9.58 15.81 30.72
C HIS D 184 -9.63 14.31 30.69
N MET D 185 -8.45 13.66 30.71
CA MET D 185 -8.36 12.25 30.55
C MET D 185 -7.70 11.64 31.79
N GLN D 186 -7.96 10.37 32.08
CA GLN D 186 -7.35 9.75 33.24
C GLN D 186 -6.90 8.35 32.90
N LYS D 187 -5.81 7.92 33.50
CA LYS D 187 -5.37 6.54 33.43
C LYS D 187 -5.43 5.93 34.85
N GLU D 188 -6.14 4.80 34.99
CA GLU D 188 -6.29 4.10 36.26
C GLU D 188 -4.93 3.67 36.70
N VAL D 189 -4.60 3.88 37.97
CA VAL D 189 -3.28 3.47 38.44
C VAL D 189 -3.26 2.42 39.55
N GLU D 190 -4.39 2.25 40.26
CA GLU D 190 -4.48 1.35 41.42
C GLU D 190 -4.11 -0.11 41.13
S SO4 E . -6.67 -10.54 -19.31
O1 SO4 E . -5.72 -11.72 -19.88
O2 SO4 E . -7.78 -10.69 -19.02
O3 SO4 E . -6.17 -9.94 -18.63
O4 SO4 E . -6.98 -10.04 -20.09
S SO4 F . -13.03 -15.31 -10.03
O1 SO4 F . -12.24 -16.60 -9.44
O2 SO4 F . -14.21 -15.58 -10.10
O3 SO4 F . -12.51 -14.66 -9.25
O4 SO4 F . -12.36 -15.08 -11.07
S SO4 G . 11.24 14.65 -9.83
O1 SO4 G . 11.37 15.76 -10.78
O2 SO4 G . 12.41 13.85 -10.08
O3 SO4 G . 11.29 15.11 -8.46
O4 SO4 G . 10.00 13.89 -10.03
S SO4 H . 7.08 17.55 1.56
O1 SO4 H . 7.65 17.01 0.30
O2 SO4 H . 6.33 16.51 2.26
O3 SO4 H . 8.18 17.95 2.46
O4 SO4 H . 6.10 18.62 1.21
S SO4 I . 10.81 -28.10 -44.68
O1 SO4 I . 10.68 -29.25 -43.81
O2 SO4 I . 10.44 -28.60 -45.98
O3 SO4 I . 9.98 -27.00 -44.15
O4 SO4 I . 12.12 -27.46 -44.71
S SO4 J . 1.25 -25.61 -37.11
O1 SO4 J . 0.78 -26.72 -36.25
O2 SO4 J . 0.35 -25.70 -38.34
O3 SO4 J . 1.13 -24.38 -36.26
O4 SO4 J . 2.70 -25.79 -37.50
S SO4 K . -0.17 18.39 29.63
O1 SO4 K . -1.07 17.85 28.57
O2 SO4 K . 1.10 17.64 29.52
O3 SO4 K . 0.15 19.84 29.59
O4 SO4 K . -0.81 18.34 30.97
S SO4 L . 9.50 15.50 22.21
O1 SO4 L . 9.13 15.13 20.87
O2 SO4 L . 9.23 14.30 22.96
O3 SO4 L . 10.85 15.98 22.17
O4 SO4 L . 8.67 16.58 22.66
#